data_4YLC
#
_entry.id   4YLC
#
_cell.length_a   189.105
_cell.length_b   189.105
_cell.length_c   88.497
_cell.angle_alpha   90.00
_cell.angle_beta   90.00
_cell.angle_gamma   90.00
#
_symmetry.space_group_name_H-M   'I 4'
#
loop_
_entity.id
_entity.type
_entity.pdbx_description
1 polymer 'Heat shock protein Hsp20'
2 non-polymer 'CHLORIDE ION'
3 water water
#
_entity_poly.entity_id   1
_entity_poly.type   'polypeptide(L)'
_entity_poly.pdbx_seq_one_letter_code
;GPGTMMNVIMREIGKKLDELSREFYESVIPPIDMYEEGGELVVVADLAGFNKDKISVRLSAQNELIINAEREIQYIGTKY
ATQRPLKIHKVIRLPVKVKRDSQVTAKYENGVLTIRIPVEGSVS
;
_entity_poly.pdbx_strand_id   A,B,C,D,E,F,G,H
#
loop_
_chem_comp.id
_chem_comp.type
_chem_comp.name
_chem_comp.formula
CL non-polymer 'CHLORIDE ION' 'Cl -1'
#
# COMPACT_ATOMS: atom_id res chain seq x y z
N PRO A 2 -0.20 12.75 -20.96
CA PRO A 2 1.20 12.34 -21.05
C PRO A 2 1.48 11.03 -20.32
N GLY A 3 0.59 10.68 -19.41
CA GLY A 3 0.76 9.49 -18.59
C GLY A 3 1.32 9.85 -17.22
N THR A 4 0.98 9.07 -16.21
CA THR A 4 1.46 9.33 -14.86
C THR A 4 2.31 8.16 -14.35
N MET A 5 3.20 8.45 -13.41
CA MET A 5 4.08 7.43 -12.84
C MET A 5 3.29 6.42 -12.01
N MET A 6 2.24 6.91 -11.33
CA MET A 6 1.43 6.07 -10.48
C MET A 6 0.84 4.90 -11.26
N ASN A 7 0.13 5.23 -12.34
CA ASN A 7 -0.43 4.24 -13.25
C ASN A 7 0.63 3.29 -13.79
N VAL A 8 1.81 3.84 -14.09
CA VAL A 8 2.96 3.05 -14.51
C VAL A 8 3.45 2.12 -13.40
N ILE A 9 3.57 2.66 -12.18
CA ILE A 9 4.04 1.89 -11.04
C ILE A 9 3.18 0.68 -10.73
N MET A 10 1.86 0.87 -10.71
CA MET A 10 0.91 -0.21 -10.43
C MET A 10 1.08 -1.35 -11.42
N ARG A 11 1.07 -0.99 -12.70
CA ARG A 11 1.27 -1.94 -13.79
C ARG A 11 2.52 -2.77 -13.56
N GLU A 12 3.55 -2.15 -13.02
CA GLU A 12 4.78 -2.85 -12.69
C GLU A 12 4.57 -3.70 -11.45
N ILE A 13 4.00 -3.10 -10.40
CA ILE A 13 3.70 -3.81 -9.17
C ILE A 13 2.93 -5.10 -9.42
N GLY A 14 1.82 -4.98 -10.15
CA GLY A 14 0.99 -6.13 -10.48
C GLY A 14 1.77 -7.24 -11.15
N LYS A 15 2.70 -6.87 -12.02
CA LYS A 15 3.52 -7.85 -12.72
C LYS A 15 4.38 -8.64 -11.74
N LYS A 16 4.91 -7.96 -10.74
CA LYS A 16 5.82 -8.60 -9.80
C LYS A 16 5.07 -9.55 -8.87
N LEU A 17 3.74 -9.40 -8.81
CA LEU A 17 2.94 -10.19 -7.88
C LEU A 17 2.32 -11.41 -8.54
N ASP A 18 2.21 -11.38 -9.87
CA ASP A 18 1.54 -12.44 -10.61
C ASP A 18 2.14 -13.81 -10.33
N GLU A 19 3.47 -13.86 -10.25
CA GLU A 19 4.18 -15.09 -9.92
C GLU A 19 4.97 -14.88 -8.64
N LEU A 20 4.77 -15.76 -7.67
CA LEU A 20 5.25 -15.52 -6.32
C LEU A 20 6.47 -16.32 -5.92
N SER A 21 7.35 -15.67 -5.17
CA SER A 21 8.61 -16.28 -4.74
C SER A 21 8.39 -17.48 -3.84
N ARG A 22 9.37 -18.38 -3.82
CA ARG A 22 9.36 -19.46 -2.86
C ARG A 22 9.48 -18.89 -1.46
N GLU A 23 10.35 -17.91 -1.30
CA GLU A 23 10.49 -17.18 -0.05
C GLU A 23 9.14 -16.70 0.49
N PHE A 24 8.34 -16.10 -0.39
CA PHE A 24 7.01 -15.63 -0.03
C PHE A 24 6.25 -16.71 0.74
N TYR A 25 6.25 -17.92 0.19
CA TYR A 25 5.49 -19.03 0.74
C TYR A 25 6.02 -19.51 2.08
N GLU A 26 7.34 -19.44 2.25
CA GLU A 26 8.00 -19.78 3.50
C GLU A 26 7.52 -18.88 4.64
N SER A 27 6.98 -17.72 4.27
CA SER A 27 6.43 -16.78 5.22
C SER A 27 4.98 -17.11 5.56
N VAL A 28 4.21 -17.44 4.54
CA VAL A 28 2.77 -17.56 4.67
C VAL A 28 2.31 -18.98 5.05
N ILE A 29 3.08 -19.98 4.63
CA ILE A 29 2.79 -21.36 4.97
C ILE A 29 3.21 -21.61 6.42
N PRO A 30 2.39 -22.34 7.18
CA PRO A 30 1.14 -22.98 6.74
C PRO A 30 -0.12 -22.23 7.16
N PRO A 31 -1.25 -22.51 6.49
CA PRO A 31 -2.54 -22.06 7.01
C PRO A 31 -2.92 -22.90 8.21
N ILE A 32 -3.61 -22.33 9.20
CA ILE A 32 -3.94 -23.11 10.38
C ILE A 32 -5.40 -22.98 10.78
N ASP A 33 -5.93 -23.99 11.44
CA ASP A 33 -7.24 -23.85 12.05
C ASP A 33 -7.01 -23.97 13.53
N MET A 34 -7.56 -23.04 14.29
CA MET A 34 -7.37 -23.07 15.73
C MET A 34 -8.68 -23.06 16.49
N TYR A 35 -8.83 -24.01 17.40
CA TYR A 35 -9.99 -24.05 18.27
C TYR A 35 -9.60 -24.55 19.66
N GLU A 36 -10.40 -24.19 20.66
CA GLU A 36 -10.22 -24.71 22.00
C GLU A 36 -11.41 -25.59 22.37
N GLU A 37 -11.12 -26.77 22.90
CA GLU A 37 -12.15 -27.62 23.47
C GLU A 37 -11.50 -28.54 24.47
N GLY A 38 -12.27 -28.97 25.46
CA GLY A 38 -11.75 -29.90 26.44
C GLY A 38 -10.61 -29.27 27.21
N GLY A 39 -10.63 -27.95 27.31
CA GLY A 39 -9.61 -27.24 28.04
C GLY A 39 -8.22 -27.43 27.46
N GLU A 40 -8.15 -27.62 26.15
CA GLU A 40 -6.87 -27.67 25.47
C GLU A 40 -6.99 -26.97 24.13
N LEU A 41 -5.87 -26.43 23.66
CA LEU A 41 -5.85 -25.67 22.41
C LEU A 41 -5.28 -26.52 21.29
N VAL A 42 -5.96 -26.57 20.16
CA VAL A 42 -5.47 -27.35 19.04
C VAL A 42 -5.19 -26.48 17.83
N VAL A 43 -4.05 -26.72 17.20
CA VAL A 43 -3.69 -26.07 15.94
C VAL A 43 -3.50 -27.15 14.89
N VAL A 44 -4.24 -27.06 13.80
CA VAL A 44 -4.10 -28.00 12.70
C VAL A 44 -3.63 -27.19 11.49
N ALA A 45 -2.59 -27.66 10.83
CA ALA A 45 -1.96 -26.87 9.79
C ALA A 45 -1.63 -27.71 8.56
N ASP A 46 -1.79 -27.12 7.38
CA ASP A 46 -1.44 -27.83 6.15
C ASP A 46 0.05 -27.70 5.87
N LEU A 47 0.80 -28.76 6.14
CA LEU A 47 2.24 -28.71 5.96
C LEU A 47 2.73 -29.84 5.07
N ALA A 48 2.26 -29.85 3.83
CA ALA A 48 2.52 -30.96 2.91
C ALA A 48 4.00 -31.15 2.54
N GLY A 49 4.44 -32.40 2.55
CA GLY A 49 5.75 -32.76 2.03
C GLY A 49 6.95 -32.61 2.94
N PHE A 50 6.74 -32.76 4.25
CA PHE A 50 7.85 -32.65 5.18
C PHE A 50 8.05 -33.93 5.97
N ASN A 51 9.30 -34.25 6.29
CA ASN A 51 9.60 -35.41 7.12
C ASN A 51 9.17 -35.09 8.54
N LYS A 52 8.61 -36.08 9.24
CA LYS A 52 8.15 -35.88 10.60
C LYS A 52 9.31 -35.53 11.51
N ASP A 53 10.45 -36.16 11.26
CA ASP A 53 11.65 -35.93 12.06
C ASP A 53 12.14 -34.49 11.91
N LYS A 54 11.88 -33.91 10.75
CA LYS A 54 12.41 -32.58 10.44
C LYS A 54 11.58 -31.44 11.03
N ILE A 55 10.34 -31.74 11.41
CA ILE A 55 9.47 -30.72 11.98
C ILE A 55 9.72 -30.59 13.47
N SER A 56 9.76 -29.34 13.96
CA SER A 56 9.89 -29.06 15.38
C SER A 56 8.79 -28.09 15.81
N VAL A 57 8.18 -28.35 16.95
CA VAL A 57 7.19 -27.43 17.51
C VAL A 57 7.62 -26.99 18.89
N ARG A 58 7.56 -25.69 19.14
CA ARG A 58 7.94 -25.18 20.44
C ARG A 58 7.01 -24.08 20.94
N LEU A 59 6.80 -24.04 22.25
CA LEU A 59 6.05 -22.97 22.89
C LEU A 59 6.99 -21.81 23.27
N SER A 60 6.69 -20.61 22.77
CA SER A 60 7.52 -19.45 23.02
C SER A 60 7.32 -18.86 24.41
N ALA A 61 8.26 -18.02 24.83
CA ALA A 61 8.20 -17.37 26.12
C ALA A 61 7.09 -16.33 26.20
N GLN A 62 6.59 -15.94 25.03
CA GLN A 62 5.61 -14.86 24.95
C GLN A 62 4.22 -15.34 24.55
N ASN A 63 3.89 -16.54 25.01
CA ASN A 63 2.59 -17.18 24.74
C ASN A 63 2.21 -17.13 23.26
N GLU A 64 3.09 -17.69 22.44
CA GLU A 64 2.85 -17.84 21.02
C GLU A 64 3.36 -19.20 20.61
N LEU A 65 2.86 -19.72 19.49
CA LEU A 65 3.23 -21.05 19.03
C LEU A 65 4.16 -20.97 17.83
N ILE A 66 5.26 -21.71 17.87
CA ILE A 66 6.25 -21.67 16.80
C ILE A 66 6.41 -23.02 16.09
N ILE A 67 6.09 -23.02 14.81
CA ILE A 67 6.24 -24.21 13.97
C ILE A 67 7.47 -24.07 13.08
N ASN A 68 8.43 -24.98 13.24
CA ASN A 68 9.63 -24.96 12.42
C ASN A 68 9.76 -26.19 11.55
N ALA A 69 9.96 -25.99 10.25
CA ALA A 69 10.09 -27.10 9.31
C ALA A 69 11.18 -26.83 8.28
N GLU A 70 12.08 -27.79 8.14
CA GLU A 70 13.15 -27.70 7.15
C GLU A 70 13.14 -28.93 6.24
N ARG A 71 13.22 -28.71 4.93
CA ARG A 71 13.29 -29.80 3.97
C ARG A 71 14.23 -29.45 2.82
N GLU A 72 14.83 -30.49 2.25
CA GLU A 72 15.73 -30.33 1.12
C GLU A 72 15.12 -30.91 -0.13
N ILE A 73 15.08 -30.10 -1.17
CA ILE A 73 14.56 -30.52 -2.46
C ILE A 73 15.69 -30.52 -3.49
N GLN A 74 15.79 -31.59 -4.27
CA GLN A 74 16.79 -31.63 -5.33
C GLN A 74 16.13 -31.31 -6.66
N TYR A 75 16.59 -30.25 -7.30
CA TYR A 75 15.99 -29.79 -8.55
C TYR A 75 16.57 -30.53 -9.75
N ILE A 76 15.71 -30.93 -10.67
CA ILE A 76 16.15 -31.63 -11.87
C ILE A 76 15.64 -30.94 -13.14
N GLY A 77 16.43 -31.01 -14.20
CA GLY A 77 16.09 -30.40 -15.46
C GLY A 77 15.95 -28.89 -15.35
N THR A 78 15.50 -28.26 -16.43
CA THR A 78 15.27 -26.84 -16.44
C THR A 78 14.05 -26.51 -15.57
N LYS A 79 14.20 -25.53 -14.69
CA LYS A 79 13.16 -25.19 -13.73
C LYS A 79 12.48 -23.84 -14.05
N TYR A 80 11.15 -23.87 -14.12
CA TYR A 80 10.36 -22.68 -14.49
C TYR A 80 9.65 -22.04 -13.30
N ALA A 81 9.67 -22.75 -12.18
CA ALA A 81 9.03 -22.29 -10.95
C ALA A 81 9.54 -23.11 -9.78
N THR A 82 9.76 -22.44 -8.66
CA THR A 82 10.07 -23.09 -7.39
C THR A 82 9.26 -22.49 -6.24
N GLN A 83 7.94 -22.55 -6.29
CA GLN A 83 7.13 -21.90 -5.25
C GLN A 83 7.20 -22.62 -3.91
N ARG A 84 7.37 -23.94 -3.96
CA ARG A 84 7.41 -24.79 -2.76
C ARG A 84 8.50 -24.31 -1.78
N PRO A 85 8.10 -24.10 -0.52
CA PRO A 85 8.99 -23.60 0.53
C PRO A 85 9.91 -24.69 1.09
N LEU A 86 11.18 -24.35 1.33
CA LEU A 86 12.14 -25.32 1.86
C LEU A 86 12.31 -25.17 3.36
N LYS A 87 12.10 -23.96 3.86
CA LYS A 87 12.25 -23.67 5.28
C LYS A 87 11.07 -22.89 5.81
N ILE A 88 10.47 -23.38 6.89
CA ILE A 88 9.27 -22.75 7.45
C ILE A 88 9.45 -22.41 8.92
N HIS A 89 9.06 -21.19 9.28
CA HIS A 89 9.11 -20.69 10.64
C HIS A 89 7.87 -19.85 10.96
N LYS A 90 6.75 -20.52 11.18
CA LYS A 90 5.51 -19.80 11.46
C LYS A 90 5.37 -19.53 12.95
N VAL A 91 5.05 -18.30 13.29
CA VAL A 91 4.85 -17.90 14.67
C VAL A 91 3.39 -17.46 14.88
N ILE A 92 2.66 -18.16 15.75
CA ILE A 92 1.23 -17.92 15.92
C ILE A 92 0.88 -17.41 17.32
N ARG A 93 0.33 -16.20 17.40
CA ARG A 93 -0.11 -15.65 18.67
C ARG A 93 -1.25 -16.46 19.21
N LEU A 94 -1.15 -16.90 20.46
CA LEU A 94 -2.19 -17.74 21.03
C LEU A 94 -3.24 -16.88 21.72
N PRO A 95 -4.53 -17.21 21.50
CA PRO A 95 -5.67 -16.40 21.95
C PRO A 95 -6.04 -16.65 23.40
N VAL A 96 -5.34 -17.58 24.04
CA VAL A 96 -5.65 -17.96 25.41
C VAL A 96 -4.35 -18.37 26.09
N LYS A 97 -4.19 -17.96 27.35
CA LYS A 97 -2.97 -18.26 28.10
C LYS A 97 -2.76 -19.77 28.19
N VAL A 98 -1.54 -20.20 27.89
CA VAL A 98 -1.16 -21.60 28.02
C VAL A 98 0.12 -21.73 28.83
N LYS A 99 0.38 -22.92 29.36
CA LYS A 99 1.59 -23.14 30.15
C LYS A 99 2.80 -23.37 29.26
N ARG A 100 3.86 -22.60 29.51
CA ARG A 100 5.11 -22.79 28.79
C ARG A 100 5.65 -24.18 29.09
N ASP A 101 5.50 -24.57 30.35
CA ASP A 101 6.02 -25.84 30.83
C ASP A 101 5.22 -27.01 30.29
N SER A 102 3.99 -26.71 29.85
CA SER A 102 3.02 -27.74 29.44
C SER A 102 3.59 -28.74 28.43
N GLN A 103 3.40 -30.02 28.73
CA GLN A 103 3.70 -31.06 27.77
C GLN A 103 2.78 -30.87 26.57
N VAL A 104 3.31 -31.14 25.39
CA VAL A 104 2.59 -30.90 24.14
C VAL A 104 2.62 -32.14 23.27
N THR A 105 1.55 -32.38 22.52
CA THR A 105 1.55 -33.45 21.54
C THR A 105 1.24 -32.90 20.15
N ALA A 106 1.98 -33.40 19.17
CA ALA A 106 1.75 -33.07 17.77
C ALA A 106 1.71 -34.34 16.94
N LYS A 107 0.81 -34.40 15.97
CA LYS A 107 0.69 -35.58 15.12
C LYS A 107 0.79 -35.18 13.65
N TYR A 108 1.43 -36.03 12.86
CA TYR A 108 1.65 -35.73 11.45
C TYR A 108 1.13 -36.85 10.57
N GLU A 109 0.23 -36.51 9.66
CA GLU A 109 -0.40 -37.50 8.79
C GLU A 109 -1.00 -36.83 7.58
N ASN A 110 -0.72 -37.38 6.40
CA ASN A 110 -1.21 -36.83 5.13
C ASN A 110 -0.78 -35.37 4.95
N GLY A 111 0.35 -35.03 5.54
CA GLY A 111 0.91 -33.69 5.40
C GLY A 111 0.18 -32.63 6.21
N VAL A 112 -0.67 -33.08 7.13
CA VAL A 112 -1.33 -32.16 8.04
C VAL A 112 -0.68 -32.24 9.41
N LEU A 113 -0.27 -31.11 9.96
CA LEU A 113 0.27 -31.09 11.31
C LEU A 113 -0.83 -30.71 12.28
N THR A 114 -1.14 -31.63 13.19
CA THR A 114 -2.11 -31.39 14.25
C THR A 114 -1.40 -31.28 15.59
N ILE A 115 -1.50 -30.13 16.23
CA ILE A 115 -0.83 -29.89 17.51
C ILE A 115 -1.84 -29.56 18.60
N ARG A 116 -1.77 -30.27 19.72
CA ARG A 116 -2.64 -30.00 20.87
C ARG A 116 -1.83 -29.39 22.00
N ILE A 117 -2.33 -28.31 22.58
CA ILE A 117 -1.63 -27.68 23.70
C ILE A 117 -2.55 -27.36 24.87
N PRO A 118 -2.23 -27.92 26.04
CA PRO A 118 -2.94 -27.68 27.31
C PRO A 118 -3.05 -26.20 27.65
N VAL A 119 -4.28 -25.73 27.77
CA VAL A 119 -4.61 -24.35 28.14
C VAL A 119 -4.29 -24.11 29.62
N GLU A 120 -3.96 -22.87 29.98
CA GLU A 120 -3.79 -22.49 31.39
C GLU A 120 -5.06 -22.80 32.17
N GLY A 121 -4.90 -23.38 33.35
CA GLY A 121 -6.05 -23.71 34.18
C GLY A 121 -6.67 -25.05 33.83
N SER A 122 -6.05 -25.77 32.90
CA SER A 122 -6.52 -27.10 32.53
C SER A 122 -6.19 -28.10 33.64
N VAL A 123 -6.94 -29.19 33.68
CA VAL A 123 -6.68 -30.26 34.63
C VAL A 123 -6.22 -31.52 33.89
N SER A 124 -5.13 -32.12 34.34
CA SER A 124 -4.58 -33.32 33.71
C SER A 124 -5.26 -34.57 34.25
N GLY B 3 -10.33 -10.20 -7.84
CA GLY B 3 -10.23 -10.87 -9.13
C GLY B 3 -8.79 -11.14 -9.52
N THR B 4 -7.97 -10.10 -9.54
CA THR B 4 -6.56 -10.24 -9.91
C THR B 4 -5.75 -10.81 -8.74
N MET B 5 -4.58 -11.33 -9.05
CA MET B 5 -3.68 -11.85 -8.02
C MET B 5 -3.22 -10.71 -7.09
N MET B 6 -2.97 -9.54 -7.68
CA MET B 6 -2.53 -8.37 -6.92
C MET B 6 -3.55 -7.98 -5.84
N ASN B 7 -4.82 -7.98 -6.23
CA ASN B 7 -5.91 -7.65 -5.32
C ASN B 7 -5.94 -8.57 -4.11
N VAL B 8 -5.76 -9.87 -4.34
CA VAL B 8 -5.75 -10.88 -3.28
C VAL B 8 -4.71 -10.57 -2.19
N ILE B 9 -3.53 -10.13 -2.61
CA ILE B 9 -2.48 -9.76 -1.67
C ILE B 9 -2.81 -8.44 -0.94
N MET B 10 -3.34 -7.48 -1.67
CA MET B 10 -3.53 -6.15 -1.15
C MET B 10 -4.48 -6.16 0.03
N ARG B 11 -5.49 -7.01 -0.04
CA ARG B 11 -6.51 -7.04 0.98
C ARG B 11 -5.91 -7.39 2.33
N GLU B 12 -4.84 -8.15 2.33
CA GLU B 12 -4.21 -8.60 3.56
C GLU B 12 -3.09 -7.70 4.08
N ILE B 13 -2.89 -6.53 3.47
CA ILE B 13 -1.74 -5.71 3.82
C ILE B 13 -1.78 -5.31 5.28
N GLY B 14 -2.95 -4.96 5.78
CA GLY B 14 -3.09 -4.56 7.17
C GLY B 14 -3.24 -5.73 8.13
N LYS B 15 -2.48 -6.80 7.90
CA LYS B 15 -2.58 -7.99 8.73
C LYS B 15 -1.22 -8.58 9.11
N LYS B 16 -1.16 -9.21 10.28
CA LYS B 16 0.01 -9.97 10.70
C LYS B 16 -0.02 -11.35 10.07
N LEU B 17 1.13 -12.00 9.96
CA LEU B 17 1.20 -13.27 9.23
C LEU B 17 0.35 -14.38 9.84
N ASP B 18 0.17 -14.33 11.16
CA ASP B 18 -0.50 -15.41 11.87
C ASP B 18 -2.02 -15.28 11.81
N GLU B 19 -2.50 -14.19 11.21
CA GLU B 19 -3.93 -13.97 11.07
C GLU B 19 -4.32 -13.65 9.63
N LEU B 20 -3.80 -14.43 8.68
CA LEU B 20 -4.10 -14.23 7.26
C LEU B 20 -5.40 -14.88 6.86
N SER B 21 -6.18 -14.23 6.01
CA SER B 21 -7.52 -14.68 5.66
C SER B 21 -7.54 -16.04 4.94
N ARG B 22 -8.59 -16.82 5.16
CA ARG B 22 -8.76 -18.07 4.44
C ARG B 22 -8.96 -17.81 2.96
N GLU B 23 -9.76 -16.81 2.66
CA GLU B 23 -10.04 -16.46 1.27
C GLU B 23 -8.74 -16.27 0.51
N PHE B 24 -7.78 -15.62 1.17
CA PHE B 24 -6.43 -15.43 0.68
C PHE B 24 -5.73 -16.77 0.42
N TYR B 25 -5.89 -17.71 1.34
CA TYR B 25 -5.23 -19.00 1.21
C TYR B 25 -5.85 -19.83 0.08
N GLU B 26 -7.15 -19.68 -0.14
CA GLU B 26 -7.81 -20.41 -1.21
C GLU B 26 -7.30 -19.96 -2.58
N SER B 27 -6.95 -18.69 -2.70
CA SER B 27 -6.48 -18.13 -3.97
C SER B 27 -5.00 -18.39 -4.20
N VAL B 28 -4.25 -18.52 -3.11
CA VAL B 28 -2.79 -18.62 -3.15
C VAL B 28 -2.30 -20.09 -3.15
N ILE B 29 -3.07 -20.99 -2.55
CA ILE B 29 -2.69 -22.40 -2.44
C ILE B 29 -3.04 -23.18 -3.72
N PRO B 30 -2.13 -24.07 -4.18
CA PRO B 30 -0.86 -24.48 -3.57
C PRO B 30 0.38 -23.86 -4.19
N PRO B 31 1.47 -23.77 -3.41
CA PRO B 31 2.77 -23.47 -4.03
C PRO B 31 3.17 -24.61 -4.93
N ILE B 32 3.65 -24.33 -6.14
CA ILE B 32 4.04 -25.43 -7.03
C ILE B 32 5.49 -25.32 -7.46
N ASP B 33 6.09 -26.48 -7.72
CA ASP B 33 7.31 -26.54 -8.47
C ASP B 33 6.95 -27.02 -9.88
N MET B 34 7.50 -26.36 -10.88
CA MET B 34 7.23 -26.69 -12.26
C MET B 34 8.54 -26.71 -13.06
N TYR B 35 8.77 -27.78 -13.80
CA TYR B 35 10.03 -27.97 -14.49
C TYR B 35 9.90 -29.03 -15.59
N GLU B 36 10.60 -28.82 -16.70
CA GLU B 36 10.58 -29.78 -17.80
C GLU B 36 11.81 -30.70 -17.71
N GLU B 37 11.57 -32.00 -17.83
CA GLU B 37 12.64 -32.99 -17.77
C GLU B 37 12.24 -34.27 -18.47
N GLY B 38 13.12 -34.75 -19.35
CA GLY B 38 12.92 -36.00 -20.05
C GLY B 38 11.74 -36.04 -21.01
N GLY B 39 11.53 -34.93 -21.71
CA GLY B 39 10.38 -34.81 -22.59
C GLY B 39 9.07 -34.87 -21.79
N GLU B 40 9.13 -34.43 -20.55
CA GLU B 40 7.94 -34.39 -19.70
C GLU B 40 7.96 -33.12 -18.85
N LEU B 41 6.78 -32.56 -18.60
CA LEU B 41 6.70 -31.36 -17.77
C LEU B 41 6.07 -31.71 -16.42
N VAL B 42 6.86 -31.58 -15.35
CA VAL B 42 6.41 -31.99 -14.04
C VAL B 42 5.90 -30.81 -13.21
N VAL B 43 4.74 -30.99 -12.58
CA VAL B 43 4.20 -30.02 -11.65
C VAL B 43 4.03 -30.66 -10.28
N VAL B 44 4.75 -30.15 -9.29
CA VAL B 44 4.65 -30.64 -7.92
C VAL B 44 3.97 -29.61 -7.04
N ALA B 45 2.82 -29.97 -6.47
CA ALA B 45 2.03 -29.05 -5.66
C ALA B 45 1.91 -29.52 -4.23
N ASP B 46 1.95 -28.58 -3.28
CA ASP B 46 1.78 -28.91 -1.87
C ASP B 46 0.33 -28.72 -1.46
N LEU B 47 -0.42 -29.82 -1.37
CA LEU B 47 -1.85 -29.72 -1.10
C LEU B 47 -2.30 -30.69 -0.01
N ALA B 48 -2.07 -30.31 1.24
CA ALA B 48 -2.31 -31.19 2.39
C ALA B 48 -3.77 -31.25 2.77
N GLY B 49 -4.12 -32.26 3.57
CA GLY B 49 -5.48 -32.42 4.08
C GLY B 49 -6.57 -32.52 3.04
N PHE B 50 -6.30 -33.22 1.94
CA PHE B 50 -7.33 -33.45 0.93
C PHE B 50 -7.48 -34.95 0.63
N ASN B 51 -8.60 -35.30 0.01
CA ASN B 51 -8.85 -36.66 -0.44
C ASN B 51 -8.78 -36.69 -1.97
N LYS B 52 -8.05 -37.66 -2.51
CA LYS B 52 -7.79 -37.74 -3.95
C LYS B 52 -9.08 -37.67 -4.76
N ASP B 53 -10.15 -38.25 -4.21
CA ASP B 53 -11.46 -38.25 -4.85
C ASP B 53 -12.01 -36.83 -5.09
N LYS B 54 -11.49 -35.86 -4.34
CA LYS B 54 -11.99 -34.49 -4.39
C LYS B 54 -11.17 -33.61 -5.34
N ILE B 55 -9.93 -34.00 -5.59
CA ILE B 55 -9.06 -33.23 -6.49
C ILE B 55 -9.28 -33.62 -7.94
N SER B 56 -9.27 -32.64 -8.85
CA SER B 56 -9.38 -32.94 -10.27
C SER B 56 -8.46 -32.06 -11.09
N VAL B 57 -7.93 -32.63 -12.16
CA VAL B 57 -7.03 -31.92 -13.04
C VAL B 57 -7.65 -31.69 -14.41
N ARG B 58 -7.60 -30.44 -14.87
CA ARG B 58 -8.13 -30.08 -16.17
C ARG B 58 -7.02 -29.50 -17.04
N LEU B 59 -7.02 -29.84 -18.33
CA LEU B 59 -6.16 -29.14 -19.28
C LEU B 59 -7.04 -28.26 -20.15
N SER B 60 -6.75 -26.96 -20.11
CA SER B 60 -7.68 -25.93 -20.57
C SER B 60 -7.71 -25.73 -22.08
N ALA B 61 -8.66 -24.91 -22.52
CA ALA B 61 -8.78 -24.54 -23.93
C ALA B 61 -7.54 -23.77 -24.35
N GLN B 62 -7.18 -22.78 -23.54
CA GLN B 62 -5.88 -22.14 -23.67
C GLN B 62 -4.86 -23.11 -23.10
N ASN B 63 -3.59 -22.83 -23.32
CA ASN B 63 -2.55 -23.78 -22.94
C ASN B 63 -2.16 -23.66 -21.47
N GLU B 64 -3.12 -23.91 -20.58
CA GLU B 64 -2.88 -23.82 -19.15
C GLU B 64 -3.45 -25.02 -18.41
N LEU B 65 -2.82 -25.37 -17.29
CA LEU B 65 -3.30 -26.47 -16.46
C LEU B 65 -4.09 -25.95 -15.26
N ILE B 66 -5.30 -26.49 -15.08
CA ILE B 66 -6.15 -26.11 -13.97
C ILE B 66 -6.17 -27.22 -12.91
N ILE B 67 -5.99 -26.84 -11.65
CA ILE B 67 -6.09 -27.77 -10.53
C ILE B 67 -7.27 -27.41 -9.64
N ASN B 68 -8.21 -28.33 -9.50
CA ASN B 68 -9.35 -28.11 -8.62
C ASN B 68 -9.37 -29.13 -7.49
N ALA B 69 -9.63 -28.64 -6.29
CA ALA B 69 -9.79 -29.50 -5.12
C ALA B 69 -10.86 -28.87 -4.25
N GLU B 70 -11.46 -29.69 -3.40
CA GLU B 70 -12.54 -29.23 -2.52
C GLU B 70 -12.64 -30.16 -1.32
N ARG B 71 -12.97 -29.60 -0.16
CA ARG B 71 -13.17 -30.43 1.02
C ARG B 71 -14.07 -29.73 2.02
N GLU B 72 -14.62 -30.50 2.94
CA GLU B 72 -15.32 -29.92 4.08
C GLU B 72 -14.58 -30.19 5.39
N ILE B 73 -14.67 -29.22 6.29
CA ILE B 73 -14.10 -29.34 7.62
C ILE B 73 -15.14 -28.86 8.62
N GLN B 74 -15.65 -29.77 9.44
CA GLN B 74 -16.60 -29.40 10.48
C GLN B 74 -15.82 -28.88 11.68
N TYR B 75 -16.03 -27.61 12.01
CA TYR B 75 -15.31 -26.98 13.12
C TYR B 75 -15.80 -27.47 14.47
N ILE B 76 -14.91 -28.04 15.27
CA ILE B 76 -15.29 -28.49 16.61
C ILE B 76 -14.85 -27.48 17.66
N GLY B 77 -15.72 -27.26 18.65
CA GLY B 77 -15.39 -26.42 19.79
C GLY B 77 -15.42 -24.92 19.52
N THR B 78 -14.79 -24.17 20.40
CA THR B 78 -14.67 -22.73 20.27
C THR B 78 -13.55 -22.35 19.30
N LYS B 79 -13.91 -21.84 18.13
CA LYS B 79 -12.95 -21.58 17.08
C LYS B 79 -12.37 -20.16 17.10
N TYR B 80 -11.04 -20.06 17.12
CA TYR B 80 -10.36 -18.78 17.08
C TYR B 80 -9.78 -18.49 15.69
N ALA B 81 -9.41 -19.53 14.98
CA ALA B 81 -8.84 -19.38 13.64
C ALA B 81 -9.35 -20.44 12.67
N THR B 82 -9.89 -19.99 11.55
CA THR B 82 -10.29 -20.86 10.45
C THR B 82 -9.61 -20.42 9.17
N GLN B 83 -8.35 -20.80 8.99
CA GLN B 83 -7.54 -20.33 7.87
C GLN B 83 -7.49 -21.30 6.68
N ARG B 84 -7.50 -22.60 6.97
CA ARG B 84 -7.26 -23.60 5.95
C ARG B 84 -8.31 -23.54 4.86
N PRO B 85 -7.87 -23.74 3.63
CA PRO B 85 -8.74 -23.57 2.47
C PRO B 85 -9.74 -24.71 2.26
N LEU B 86 -10.97 -24.35 1.88
CA LEU B 86 -12.00 -25.34 1.60
C LEU B 86 -12.07 -25.66 0.10
N LYS B 87 -11.92 -24.64 -0.74
CA LYS B 87 -12.04 -24.83 -2.18
C LYS B 87 -10.84 -24.29 -2.95
N ILE B 88 -10.09 -25.20 -3.58
CA ILE B 88 -8.93 -24.82 -4.39
C ILE B 88 -9.28 -24.77 -5.87
N HIS B 89 -8.79 -23.75 -6.57
CA HIS B 89 -8.99 -23.63 -8.01
C HIS B 89 -7.79 -22.96 -8.66
N LYS B 90 -6.66 -23.64 -8.64
CA LYS B 90 -5.40 -23.08 -9.12
C LYS B 90 -5.22 -23.21 -10.64
N VAL B 91 -5.14 -22.07 -11.33
CA VAL B 91 -4.98 -22.04 -12.78
C VAL B 91 -3.56 -21.65 -13.18
N ILE B 92 -2.81 -22.61 -13.72
CA ILE B 92 -1.40 -22.40 -14.03
C ILE B 92 -1.11 -22.28 -15.52
N ARG B 93 -0.45 -21.19 -15.90
CA ARG B 93 -0.06 -20.96 -17.30
C ARG B 93 1.20 -21.74 -17.63
N LEU B 94 1.12 -22.61 -18.64
CA LEU B 94 2.23 -23.47 -18.98
C LEU B 94 3.31 -22.73 -19.78
N PRO B 95 4.58 -22.99 -19.44
CA PRO B 95 5.71 -22.36 -20.14
C PRO B 95 5.83 -22.84 -21.58
N VAL B 96 5.41 -24.08 -21.81
CA VAL B 96 5.60 -24.73 -23.10
C VAL B 96 4.30 -25.36 -23.62
N LYS B 97 4.15 -25.42 -24.95
CA LYS B 97 3.02 -26.07 -25.58
C LYS B 97 2.98 -27.58 -25.32
N VAL B 98 1.84 -28.08 -24.90
CA VAL B 98 1.67 -29.52 -24.67
C VAL B 98 0.46 -30.05 -25.41
N LYS B 99 0.54 -31.31 -25.83
CA LYS B 99 -0.59 -31.98 -26.48
C LYS B 99 -1.74 -32.12 -25.49
N ARG B 100 -2.96 -31.89 -25.96
CA ARG B 100 -4.11 -32.01 -25.08
C ARG B 100 -4.55 -33.47 -25.01
N ASP B 101 -4.51 -34.15 -26.15
CA ASP B 101 -4.68 -35.58 -26.19
C ASP B 101 -3.43 -36.22 -25.61
N SER B 102 -3.32 -36.23 -24.28
CA SER B 102 -2.08 -36.62 -23.63
C SER B 102 -2.27 -37.50 -22.40
N GLN B 103 -1.32 -38.42 -22.21
CA GLN B 103 -1.29 -39.26 -21.02
C GLN B 103 -0.69 -38.48 -19.86
N VAL B 104 -1.57 -37.90 -19.04
CA VAL B 104 -1.13 -37.11 -17.90
C VAL B 104 -1.33 -37.89 -16.60
N THR B 105 -0.31 -37.90 -15.74
CA THR B 105 -0.35 -38.71 -14.52
C THR B 105 -0.28 -37.85 -13.26
N ALA B 106 -1.36 -37.80 -12.51
CA ALA B 106 -1.42 -36.99 -11.30
C ALA B 106 -1.59 -37.84 -10.06
N LYS B 107 -0.51 -37.98 -9.29
CA LYS B 107 -0.50 -38.84 -8.12
C LYS B 107 -0.44 -38.05 -6.81
N TYR B 108 -1.41 -38.28 -5.93
CA TYR B 108 -1.42 -37.65 -4.61
C TYR B 108 -0.82 -38.57 -3.57
N GLU B 109 0.15 -38.06 -2.82
CA GLU B 109 0.79 -38.80 -1.75
C GLU B 109 1.36 -37.86 -0.71
N ASN B 110 0.90 -38.03 0.53
CA ASN B 110 1.41 -37.26 1.66
C ASN B 110 1.20 -35.76 1.44
N GLY B 111 0.00 -35.40 0.98
CA GLY B 111 -0.35 -34.01 0.78
C GLY B 111 0.31 -33.38 -0.43
N VAL B 112 1.03 -34.18 -1.20
CA VAL B 112 1.81 -33.64 -2.32
C VAL B 112 1.28 -34.16 -3.65
N LEU B 113 0.87 -33.23 -4.49
CA LEU B 113 0.28 -33.57 -5.78
C LEU B 113 1.33 -33.46 -6.89
N THR B 114 1.72 -34.60 -7.45
CA THR B 114 2.69 -34.63 -8.54
C THR B 114 2.02 -34.93 -9.87
N ILE B 115 2.12 -33.98 -10.80
CA ILE B 115 1.50 -34.11 -12.12
C ILE B 115 2.56 -34.14 -13.22
N ARG B 116 2.45 -35.12 -14.12
CA ARG B 116 3.37 -35.22 -15.26
C ARG B 116 2.60 -35.03 -16.56
N ILE B 117 3.22 -34.30 -17.49
CA ILE B 117 2.57 -33.95 -18.75
C ILE B 117 3.57 -34.06 -19.91
N PRO B 118 3.19 -34.80 -20.96
CA PRO B 118 4.10 -34.95 -22.11
C PRO B 118 4.21 -33.67 -22.91
N VAL B 119 5.45 -33.29 -23.20
CA VAL B 119 5.74 -32.13 -24.02
C VAL B 119 5.36 -32.42 -25.46
N GLU B 120 4.81 -31.45 -26.17
CA GLU B 120 4.60 -31.60 -27.60
C GLU B 120 5.97 -31.78 -28.25
N GLY B 121 6.08 -32.74 -29.15
CA GLY B 121 7.32 -32.96 -29.87
C GLY B 121 8.34 -33.83 -29.16
N SER B 122 7.87 -34.65 -28.23
CA SER B 122 8.73 -35.63 -27.57
C SER B 122 8.13 -37.03 -27.64
N VAL B 123 8.99 -38.02 -27.87
CA VAL B 123 8.57 -39.41 -27.94
C VAL B 123 8.34 -39.99 -26.54
N PRO C 2 -19.49 3.66 -12.63
CA PRO C 2 -19.66 2.92 -11.37
C PRO C 2 -18.63 3.34 -10.34
N GLY C 3 -17.37 3.42 -10.76
CA GLY C 3 -16.28 3.78 -9.87
C GLY C 3 -15.64 2.55 -9.28
N THR C 4 -14.52 2.74 -8.58
CA THR C 4 -13.81 1.64 -7.96
C THR C 4 -13.59 1.92 -6.47
N MET C 5 -13.57 0.86 -5.67
CA MET C 5 -13.27 0.99 -4.25
C MET C 5 -11.84 1.48 -4.02
N MET C 6 -10.93 1.00 -4.86
CA MET C 6 -9.50 1.31 -4.73
C MET C 6 -9.23 2.81 -4.76
N ASN C 7 -9.96 3.53 -5.62
CA ASN C 7 -9.83 4.98 -5.69
C ASN C 7 -10.33 5.64 -4.41
N VAL C 8 -11.49 5.19 -3.95
CA VAL C 8 -12.12 5.76 -2.76
C VAL C 8 -11.22 5.60 -1.53
N ILE C 9 -10.58 4.44 -1.41
CA ILE C 9 -9.62 4.22 -0.32
C ILE C 9 -8.52 5.28 -0.37
N MET C 10 -7.98 5.48 -1.57
CA MET C 10 -6.91 6.43 -1.80
C MET C 10 -7.30 7.86 -1.42
N ARG C 11 -8.47 8.27 -1.88
CA ARG C 11 -9.01 9.59 -1.55
C ARG C 11 -9.07 9.77 -0.03
N GLU C 12 -9.44 8.69 0.67
CA GLU C 12 -9.51 8.65 2.12
C GLU C 12 -8.18 8.78 2.85
N ILE C 13 -7.18 8.04 2.37
CA ILE C 13 -5.84 8.05 2.96
C ILE C 13 -5.22 9.44 2.89
N GLY C 14 -5.47 10.13 1.76
CA GLY C 14 -5.07 11.51 1.60
C GLY C 14 -5.65 12.39 2.68
N LYS C 15 -6.93 12.17 3.00
CA LYS C 15 -7.55 12.89 4.09
C LYS C 15 -6.90 12.53 5.41
N LYS C 16 -6.61 11.25 5.58
CA LYS C 16 -6.04 10.73 6.82
C LYS C 16 -4.63 11.25 7.14
N LEU C 17 -3.80 11.37 6.12
CA LEU C 17 -2.40 11.73 6.32
C LEU C 17 -2.17 13.24 6.41
N ASP C 18 -3.26 14.02 6.47
CA ASP C 18 -3.15 15.47 6.52
C ASP C 18 -2.51 15.95 7.81
N GLU C 19 -2.98 15.41 8.93
CA GLU C 19 -2.47 15.81 10.24
C GLU C 19 -2.01 14.58 11.00
N LEU C 20 -0.69 14.44 11.13
CA LEU C 20 -0.06 13.23 11.62
C LEU C 20 -0.19 13.05 13.13
N SER C 21 -0.19 11.79 13.58
CA SER C 21 -0.34 11.47 14.99
C SER C 21 0.91 11.82 15.79
N ARG C 22 0.76 11.85 17.11
CA ARG C 22 1.90 11.92 18.01
C ARG C 22 2.81 10.73 17.78
N GLU C 23 2.20 9.55 17.77
CA GLU C 23 2.90 8.28 17.56
C GLU C 23 3.75 8.28 16.29
N PHE C 24 3.20 8.86 15.22
CA PHE C 24 3.92 8.97 13.97
C PHE C 24 5.27 9.65 14.22
N TYR C 25 5.21 10.86 14.77
CA TYR C 25 6.41 11.67 14.98
C TYR C 25 7.41 11.00 15.91
N GLU C 26 6.90 10.21 16.85
CA GLU C 26 7.74 9.42 17.74
C GLU C 26 8.63 8.46 16.94
N SER C 27 8.07 7.90 15.87
CA SER C 27 8.79 6.92 15.06
C SER C 27 9.80 7.57 14.10
N VAL C 28 9.50 8.78 13.62
CA VAL C 28 10.32 9.42 12.59
C VAL C 28 11.48 10.23 13.14
N ILE C 29 11.25 10.81 14.31
CA ILE C 29 12.21 11.70 14.95
C ILE C 29 13.34 10.88 15.56
N PRO C 30 14.59 11.38 15.45
CA PRO C 30 14.99 12.65 14.83
C PRO C 30 15.56 12.56 13.43
N PRO C 31 15.46 13.64 12.65
CA PRO C 31 16.28 13.76 11.44
C PRO C 31 17.74 13.84 11.85
N ILE C 32 18.63 13.21 11.09
CA ILE C 32 20.04 13.20 11.47
C ILE C 32 20.98 13.53 10.32
N ASP C 33 22.12 14.13 10.65
CA ASP C 33 23.18 14.31 9.68
C ASP C 33 24.35 13.42 10.11
N MET C 34 25.00 12.78 9.14
CA MET C 34 26.03 11.82 9.46
C MET C 34 27.23 11.97 8.55
N TYR C 35 28.39 12.24 9.13
CA TYR C 35 29.60 12.42 8.35
C TYR C 35 30.82 11.79 9.03
N GLU C 36 31.87 11.59 8.26
CA GLU C 36 33.12 11.08 8.81
C GLU C 36 34.23 12.09 8.63
N GLU C 37 34.79 12.55 9.74
CA GLU C 37 35.90 13.49 9.73
C GLU C 37 36.93 13.10 10.76
N GLY C 38 38.15 12.85 10.31
CA GLY C 38 39.27 12.52 11.19
C GLY C 38 39.06 11.25 12.00
N GLY C 39 38.55 10.22 11.35
CA GLY C 39 38.30 8.96 12.01
C GLY C 39 37.28 9.09 13.13
N GLU C 40 36.32 10.00 12.93
CA GLU C 40 35.24 10.20 13.87
C GLU C 40 33.91 10.26 13.15
N LEU C 41 32.89 9.67 13.75
CA LEU C 41 31.56 9.67 13.15
C LEU C 41 30.63 10.60 13.94
N VAL C 42 29.99 11.53 13.25
CA VAL C 42 29.12 12.48 13.90
C VAL C 42 27.66 12.36 13.48
N VAL C 43 26.80 12.04 14.44
CA VAL C 43 25.36 12.01 14.22
C VAL C 43 24.73 13.24 14.86
N VAL C 44 24.01 14.03 14.07
CA VAL C 44 23.42 15.27 14.57
C VAL C 44 21.90 15.22 14.52
N ALA C 45 21.29 15.21 15.70
CA ALA C 45 19.85 15.00 15.82
C ALA C 45 19.09 16.23 16.30
N ASP C 46 17.98 16.51 15.64
CA ASP C 46 17.09 17.60 16.03
C ASP C 46 16.06 17.11 17.02
N LEU C 47 16.25 17.44 18.29
CA LEU C 47 15.34 17.00 19.33
C LEU C 47 14.60 18.15 20.01
N ALA C 48 13.30 17.99 20.16
CA ALA C 48 12.53 18.96 20.89
C ALA C 48 13.16 18.84 22.25
N GLY C 49 13.23 19.93 22.99
CA GLY C 49 14.08 19.93 24.15
C GLY C 49 13.72 18.80 25.09
N PHE C 50 14.76 18.10 25.52
CA PHE C 50 14.65 16.98 26.45
C PHE C 50 15.74 17.21 27.47
N ASN C 51 15.53 16.79 28.71
CA ASN C 51 16.59 16.94 29.69
C ASN C 51 17.77 16.07 29.28
N LYS C 52 18.98 16.58 29.45
CA LYS C 52 20.15 15.89 28.94
C LYS C 52 20.27 14.52 29.59
N ASP C 53 19.95 14.44 30.88
CA ASP C 53 20.13 13.21 31.63
C ASP C 53 19.17 12.12 31.16
N LYS C 54 17.99 12.55 30.72
CA LYS C 54 17.00 11.61 30.23
C LYS C 54 17.44 11.00 28.91
N ILE C 55 18.09 11.82 28.08
CA ILE C 55 18.58 11.34 26.80
C ILE C 55 19.70 10.33 27.00
N SER C 56 19.61 9.20 26.30
CA SER C 56 20.59 8.13 26.43
C SER C 56 21.07 7.63 25.08
N VAL C 57 22.36 7.34 24.98
CA VAL C 57 22.93 6.84 23.73
C VAL C 57 23.72 5.55 23.96
N ARG C 58 23.50 4.57 23.10
CA ARG C 58 24.16 3.27 23.21
C ARG C 58 24.55 2.73 21.84
N LEU C 59 25.64 1.96 21.80
CA LEU C 59 26.04 1.25 20.60
C LEU C 59 25.57 -0.21 20.69
N SER C 60 24.80 -0.66 19.71
CA SER C 60 24.27 -2.02 19.73
C SER C 60 25.32 -3.02 19.29
N ALA C 61 25.16 -4.27 19.72
CA ALA C 61 26.11 -5.33 19.39
C ALA C 61 26.18 -5.55 17.88
N GLN C 62 25.02 -5.47 17.22
CA GLN C 62 24.94 -5.71 15.79
C GLN C 62 25.19 -4.46 14.97
N ASN C 63 26.25 -3.73 15.32
CA ASN C 63 26.70 -2.58 14.55
C ASN C 63 25.63 -1.51 14.34
N GLU C 64 24.82 -1.27 15.38
CA GLU C 64 23.80 -0.23 15.31
C GLU C 64 24.05 0.83 16.37
N LEU C 65 23.51 2.02 16.14
CA LEU C 65 23.50 3.05 17.17
C LEU C 65 22.05 3.27 17.60
N ILE C 66 21.84 3.39 18.91
CA ILE C 66 20.49 3.47 19.47
C ILE C 66 20.29 4.74 20.29
N ILE C 67 19.32 5.56 19.87
CA ILE C 67 19.02 6.82 20.55
C ILE C 67 17.63 6.84 21.16
N ASN C 68 17.57 6.85 22.49
CA ASN C 68 16.31 7.00 23.20
C ASN C 68 16.25 8.29 24.01
N ALA C 69 15.05 8.63 24.46
CA ALA C 69 14.83 9.79 25.29
C ALA C 69 13.42 9.76 25.86
N GLU C 70 13.23 10.38 27.01
CA GLU C 70 11.92 10.41 27.63
C GLU C 70 11.48 11.82 28.00
N ARG C 71 10.23 12.14 27.73
CA ARG C 71 9.68 13.44 28.10
C ARG C 71 8.31 13.31 28.78
N GLU C 72 7.99 14.30 29.62
CA GLU C 72 6.66 14.41 30.22
C GLU C 72 6.09 15.80 29.97
N ILE C 73 4.86 15.84 29.46
CA ILE C 73 4.19 17.10 29.19
C ILE C 73 2.82 17.16 29.83
N GLN C 74 2.50 18.30 30.44
CA GLN C 74 1.19 18.52 31.03
C GLN C 74 0.26 19.21 30.05
N TYR C 75 -0.76 18.48 29.60
CA TYR C 75 -1.69 18.97 28.60
C TYR C 75 -2.72 19.94 29.20
N ILE C 76 -2.25 21.10 29.64
CA ILE C 76 -3.13 22.09 30.26
C ILE C 76 -4.24 22.54 29.30
N GLY C 77 -5.44 22.72 29.84
CA GLY C 77 -6.58 23.17 29.07
C GLY C 77 -7.03 22.20 27.99
N THR C 78 -8.05 22.60 27.25
CA THR C 78 -8.56 21.81 26.14
C THR C 78 -7.53 21.74 25.01
N LYS C 79 -7.17 20.51 24.62
CA LYS C 79 -6.09 20.29 23.65
C LYS C 79 -6.62 20.01 22.25
N TYR C 80 -6.30 20.93 21.33
CA TYR C 80 -6.59 20.78 19.92
C TYR C 80 -5.76 19.72 19.19
N ALA C 81 -4.47 19.68 19.49
CA ALA C 81 -3.58 18.71 18.87
C ALA C 81 -2.42 18.36 19.80
N THR C 82 -1.93 17.13 19.70
CA THR C 82 -0.77 16.71 20.46
C THR C 82 0.24 15.97 19.60
N GLN C 83 0.85 16.71 18.67
CA GLN C 83 1.84 16.17 17.76
C GLN C 83 3.09 15.70 18.46
N ARG C 84 3.49 16.44 19.49
CA ARG C 84 4.79 16.22 20.11
C ARG C 84 4.91 14.82 20.71
N PRO C 85 6.09 14.24 20.52
CA PRO C 85 6.43 12.90 21.01
C PRO C 85 6.86 12.87 22.49
N LEU C 86 6.22 11.99 23.25
CA LEU C 86 6.51 11.83 24.67
C LEU C 86 7.76 11.00 24.87
N LYS C 87 7.89 9.98 24.03
CA LYS C 87 9.00 9.05 24.11
C LYS C 87 9.65 8.88 22.74
N ILE C 88 10.91 8.45 22.75
CA ILE C 88 11.66 8.32 21.50
C ILE C 88 12.54 7.08 21.49
N HIS C 89 12.47 6.34 20.39
CA HIS C 89 13.40 5.25 20.13
C HIS C 89 13.89 5.36 18.69
N LYS C 90 15.19 5.57 18.52
CA LYS C 90 15.76 5.71 17.19
C LYS C 90 16.95 4.78 17.00
N VAL C 91 16.82 3.85 16.06
CA VAL C 91 17.90 2.94 15.73
C VAL C 91 18.58 3.39 14.44
N ILE C 92 19.89 3.58 14.50
CA ILE C 92 20.65 4.11 13.39
C ILE C 92 21.78 3.18 12.97
N ARG C 93 21.69 2.67 11.75
CA ARG C 93 22.75 1.82 11.19
C ARG C 93 24.02 2.63 10.97
N LEU C 94 25.17 2.00 11.17
CA LEU C 94 26.45 2.66 10.98
C LEU C 94 27.06 2.30 9.63
N PRO C 95 27.48 3.31 8.87
CA PRO C 95 28.02 3.13 7.51
C PRO C 95 29.35 2.39 7.53
N VAL C 96 30.23 2.76 8.46
CA VAL C 96 31.56 2.17 8.53
C VAL C 96 31.71 1.21 9.69
N LYS C 97 32.77 0.41 9.64
CA LYS C 97 33.04 -0.59 10.67
C LYS C 97 33.29 0.06 12.02
N VAL C 98 32.82 -0.59 13.07
CA VAL C 98 33.00 -0.08 14.43
C VAL C 98 33.06 -1.22 15.44
N THR C 105 30.73 9.89 24.88
CA THR C 105 31.06 11.08 24.12
C THR C 105 29.85 11.65 23.41
N ALA C 106 29.00 12.33 24.16
CA ALA C 106 27.81 12.95 23.61
C ALA C 106 27.65 14.36 24.15
N LYS C 107 27.17 15.27 23.31
CA LYS C 107 26.98 16.64 23.74
C LYS C 107 25.60 17.14 23.30
N TYR C 108 24.90 17.81 24.21
CA TYR C 108 23.53 18.25 23.96
C TYR C 108 23.39 19.77 24.04
N GLU C 109 23.23 20.41 22.90
CA GLU C 109 23.16 21.86 22.86
C GLU C 109 22.03 22.38 21.97
N ASN C 110 21.21 23.27 22.54
CA ASN C 110 20.09 23.88 21.82
C ASN C 110 19.15 22.83 21.26
N GLY C 111 18.93 21.78 22.03
CA GLY C 111 18.04 20.70 21.62
C GLY C 111 18.64 19.84 20.52
N VAL C 112 19.85 20.17 20.11
CA VAL C 112 20.56 19.42 19.09
C VAL C 112 21.56 18.48 19.72
N LEU C 113 21.41 17.19 19.42
CA LEU C 113 22.30 16.16 19.94
C LEU C 113 23.40 15.86 18.93
N THR C 114 24.65 16.02 19.33
CA THR C 114 25.78 15.73 18.46
C THR C 114 26.59 14.57 19.04
N ILE C 115 26.63 13.46 18.31
CA ILE C 115 27.32 12.29 18.79
C ILE C 115 28.60 12.06 18.03
N ARG C 116 29.71 11.99 18.77
CA ARG C 116 31.02 11.74 18.18
C ARG C 116 31.45 10.31 18.43
N ILE C 117 31.77 9.60 17.35
CA ILE C 117 32.10 8.17 17.46
C ILE C 117 33.47 7.85 16.85
N PRO C 118 34.39 7.35 17.68
CA PRO C 118 35.78 7.03 17.29
C PRO C 118 35.87 5.97 16.19
N VAL C 119 36.78 6.18 15.25
CA VAL C 119 37.02 5.24 14.16
C VAL C 119 38.29 5.59 13.39
N THR D 4 -1.11 17.63 -1.30
CA THR D 4 -0.03 16.83 -1.85
C THR D 4 0.86 16.28 -0.74
N MET D 5 0.39 16.38 0.49
CA MET D 5 1.15 15.88 1.63
C MET D 5 1.33 14.37 1.52
N MET D 6 0.28 13.69 1.08
CA MET D 6 0.32 12.25 0.93
C MET D 6 1.42 11.83 -0.04
N ASN D 7 1.60 12.61 -1.11
CA ASN D 7 2.65 12.33 -2.08
C ASN D 7 4.03 12.27 -1.44
N VAL D 8 4.24 13.13 -0.44
CA VAL D 8 5.52 13.20 0.27
C VAL D 8 5.81 11.90 1.01
N ILE D 9 4.83 11.46 1.80
CA ILE D 9 4.96 10.21 2.56
C ILE D 9 5.29 9.04 1.64
N MET D 10 4.66 9.00 0.46
CA MET D 10 4.76 7.88 -0.46
C MET D 10 6.18 7.63 -0.97
N ARG D 11 6.90 8.72 -1.23
CA ARG D 11 8.26 8.62 -1.75
C ARG D 11 9.17 7.86 -0.78
N GLU D 12 8.80 7.84 0.50
CA GLU D 12 9.64 7.25 1.54
C GLU D 12 9.22 5.82 1.91
N ILE D 13 8.19 5.29 1.26
CA ILE D 13 7.67 3.97 1.60
C ILE D 13 8.71 2.87 1.40
N GLY D 14 9.65 3.08 0.49
CA GLY D 14 10.69 2.09 0.26
C GLY D 14 11.77 2.15 1.32
N LYS D 15 11.88 3.31 1.97
CA LYS D 15 12.99 3.58 2.87
C LYS D 15 12.84 3.00 4.27
N LYS D 16 13.96 2.55 4.82
CA LYS D 16 14.09 2.22 6.23
C LYS D 16 14.14 3.52 7.04
N LEU D 17 13.76 3.47 8.31
CA LEU D 17 13.64 4.68 9.11
C LEU D 17 14.97 5.41 9.26
N ASP D 18 16.06 4.72 9.02
CA ASP D 18 17.38 5.35 9.06
C ASP D 18 17.56 6.33 7.91
N GLU D 19 16.96 5.98 6.76
CA GLU D 19 17.28 6.64 5.50
C GLU D 19 16.32 7.75 5.06
N LEU D 20 15.38 8.13 5.93
CA LEU D 20 14.37 9.12 5.55
C LEU D 20 14.95 10.42 4.99
N SER D 21 14.38 10.87 3.88
CA SER D 21 14.90 11.99 3.11
C SER D 21 14.81 13.32 3.86
N ARG D 22 15.65 14.28 3.48
CA ARG D 22 15.53 15.65 3.96
C ARG D 22 14.25 16.33 3.46
N GLU D 23 13.90 16.05 2.21
CA GLU D 23 12.72 16.66 1.61
C GLU D 23 11.50 16.24 2.41
N PHE D 24 11.46 14.99 2.84
CA PHE D 24 10.34 14.53 3.65
C PHE D 24 10.29 15.31 4.96
N TYR D 25 11.46 15.50 5.57
CA TYR D 25 11.56 16.20 6.84
C TYR D 25 11.13 17.65 6.76
N GLU D 26 11.45 18.31 5.66
CA GLU D 26 11.09 19.69 5.49
C GLU D 26 9.57 19.81 5.50
N SER D 27 8.90 18.84 4.89
CA SER D 27 7.44 18.83 4.84
C SER D 27 6.81 18.58 6.21
N VAL D 28 7.31 17.55 6.89
CA VAL D 28 6.67 17.02 8.10
C VAL D 28 7.02 17.80 9.39
N ILE D 29 8.13 18.52 9.36
CA ILE D 29 8.60 19.27 10.53
C ILE D 29 8.08 20.71 10.45
N PRO D 30 7.58 21.27 11.59
CA PRO D 30 7.59 20.70 12.93
C PRO D 30 6.30 20.05 13.42
N PRO D 31 6.44 19.14 14.40
CA PRO D 31 5.36 18.63 15.25
C PRO D 31 4.90 19.72 16.23
N ILE D 32 3.59 19.94 16.35
CA ILE D 32 3.08 20.99 17.22
C ILE D 32 1.96 20.50 18.14
N ASP D 33 1.97 20.89 19.41
CA ASP D 33 0.79 20.72 20.27
C ASP D 33 0.14 22.06 20.42
N MET D 34 -1.18 22.09 20.31
CA MET D 34 -1.83 23.37 20.34
C MET D 34 -3.13 23.27 21.10
N TYR D 35 -3.33 24.26 21.97
CA TYR D 35 -4.44 24.24 22.91
C TYR D 35 -4.93 25.66 23.17
N GLU D 36 -6.06 25.77 23.85
CA GLU D 36 -6.64 27.07 24.20
C GLU D 36 -6.77 27.19 25.71
N GLU D 37 -6.35 28.33 26.26
CA GLU D 37 -6.46 28.58 27.69
C GLU D 37 -6.58 30.08 28.00
N GLY D 38 -7.70 30.45 28.60
CA GLY D 38 -7.92 31.82 29.03
C GLY D 38 -7.98 32.83 27.89
N GLY D 39 -8.72 32.48 26.83
CA GLY D 39 -8.83 33.35 25.68
C GLY D 39 -7.54 33.46 24.90
N GLU D 40 -6.62 32.53 25.16
CA GLU D 40 -5.34 32.52 24.46
C GLU D 40 -5.15 31.22 23.70
N LEU D 41 -4.80 31.32 22.42
CA LEU D 41 -4.51 30.14 21.62
C LEU D 41 -3.00 29.92 21.55
N VAL D 42 -2.54 28.83 22.12
CA VAL D 42 -1.10 28.57 22.21
C VAL D 42 -0.66 27.41 21.32
N VAL D 43 0.41 27.64 20.56
CA VAL D 43 1.04 26.61 19.75
C VAL D 43 2.47 26.39 20.23
N VAL D 44 2.86 25.14 20.42
CA VAL D 44 4.25 24.85 20.77
C VAL D 44 4.85 23.86 19.77
N ALA D 45 5.84 24.35 19.01
CA ALA D 45 6.49 23.58 17.96
C ALA D 45 7.91 23.22 18.36
N ASP D 46 8.49 22.26 17.64
CA ASP D 46 9.81 21.73 17.98
C ASP D 46 10.82 21.94 16.86
N LEU D 47 11.76 22.86 17.05
CA LEU D 47 12.71 23.20 16.00
C LEU D 47 14.13 23.28 16.56
N ALA D 48 14.73 22.12 16.82
CA ALA D 48 16.08 22.07 17.37
C ALA D 48 17.12 22.57 16.37
N GLY D 49 18.01 23.45 16.85
CA GLY D 49 19.15 23.91 16.07
C GLY D 49 18.84 25.01 15.07
N PHE D 50 17.92 25.89 15.45
CA PHE D 50 17.55 27.01 14.59
C PHE D 50 17.72 28.33 15.34
N ASN D 51 17.79 29.43 14.60
CA ASN D 51 18.05 30.75 15.18
C ASN D 51 16.84 31.67 15.10
N LYS D 52 16.55 32.38 16.18
CA LYS D 52 15.34 33.21 16.30
C LYS D 52 15.22 34.28 15.23
N ASP D 53 16.35 34.63 14.62
CA ASP D 53 16.34 35.61 13.54
C ASP D 53 15.75 35.01 12.29
N LYS D 54 15.89 33.70 12.17
CA LYS D 54 15.52 32.97 10.96
C LYS D 54 14.09 32.49 11.01
N ILE D 55 13.50 32.54 12.22
CA ILE D 55 12.12 32.11 12.42
C ILE D 55 11.14 33.25 12.26
N SER D 56 10.09 33.03 11.49
CA SER D 56 9.06 34.06 11.31
C SER D 56 7.67 33.42 11.33
N VAL D 57 6.70 34.15 11.87
CA VAL D 57 5.34 33.64 11.96
C VAL D 57 4.34 34.70 11.44
N ARG D 58 3.27 34.24 10.79
CA ARG D 58 2.26 35.13 10.24
C ARG D 58 0.89 34.46 10.12
N LEU D 59 -0.16 35.26 9.99
CA LEU D 59 -1.50 34.75 9.77
C LEU D 59 -2.08 35.32 8.48
N SER D 60 -2.42 34.44 7.54
CA SER D 60 -3.06 34.85 6.29
C SER D 60 -4.51 35.21 6.52
N ALA D 61 -5.12 35.87 5.54
CA ALA D 61 -6.48 36.35 5.69
C ALA D 61 -7.39 35.17 5.96
N GLN D 62 -7.15 34.07 5.24
CA GLN D 62 -7.84 32.83 5.53
C GLN D 62 -7.38 32.47 6.93
N ASN D 63 -8.24 31.83 7.71
CA ASN D 63 -7.96 31.67 9.13
C ASN D 63 -7.04 30.50 9.40
N GLU D 64 -5.77 30.68 9.07
CA GLU D 64 -4.73 29.71 9.36
C GLU D 64 -3.48 30.43 9.85
N LEU D 65 -2.70 29.75 10.66
CA LEU D 65 -1.44 30.29 11.16
C LEU D 65 -0.25 29.71 10.42
N ILE D 66 0.67 30.58 10.02
CA ILE D 66 1.81 30.18 9.20
C ILE D 66 3.12 30.28 9.98
N ILE D 67 4.02 29.34 9.74
CA ILE D 67 5.33 29.34 10.38
C ILE D 67 6.43 29.22 9.32
N ASN D 68 7.46 30.06 9.41
CA ASN D 68 8.61 29.97 8.51
C ASN D 68 9.91 29.91 9.28
N ALA D 69 10.88 29.19 8.73
CA ALA D 69 12.20 29.08 9.33
C ALA D 69 13.22 28.70 8.27
N GLU D 70 14.35 29.41 8.25
CA GLU D 70 15.46 29.04 7.38
C GLU D 70 16.71 28.72 8.18
N ARG D 71 17.51 27.79 7.67
CA ARG D 71 18.86 27.59 8.17
C ARG D 71 19.70 26.96 7.07
N GLU D 72 21.01 27.21 7.09
CA GLU D 72 21.90 26.50 6.19
C GLU D 72 22.98 25.80 6.99
N ILE D 73 23.43 24.67 6.49
CA ILE D 73 24.36 23.83 7.22
C ILE D 73 25.61 23.52 6.38
N GLN D 74 26.77 23.78 6.96
CA GLN D 74 28.03 23.46 6.31
C GLN D 74 28.25 21.95 6.30
N TYR D 75 28.60 21.43 5.13
CA TYR D 75 28.83 20.00 4.97
C TYR D 75 30.32 19.67 5.10
N ILE D 76 30.64 18.77 6.02
CA ILE D 76 32.04 18.44 6.30
C ILE D 76 32.33 16.95 6.19
N GLY D 77 33.37 16.61 5.44
CA GLY D 77 33.87 15.25 5.36
C GLY D 77 33.03 14.29 4.54
N THR D 78 33.26 13.00 4.73
CA THR D 78 32.48 11.96 4.09
C THR D 78 31.04 12.00 4.60
N LYS D 79 30.07 12.21 3.71
CA LYS D 79 28.70 12.43 4.15
C LYS D 79 27.79 11.22 3.93
N TYR D 80 26.96 10.92 4.94
CA TYR D 80 26.07 9.76 4.89
C TYR D 80 24.61 10.15 4.98
N ALA D 81 24.34 11.32 5.57
CA ALA D 81 22.96 11.75 5.81
C ALA D 81 22.79 13.23 5.56
N THR D 82 21.68 13.59 4.91
CA THR D 82 21.37 14.98 4.63
C THR D 82 20.02 15.34 5.23
N GLN D 83 19.58 14.55 6.22
CA GLN D 83 18.22 14.62 6.73
C GLN D 83 17.78 15.94 7.38
N ARG D 84 18.65 16.54 8.19
CA ARG D 84 18.31 17.78 8.87
C ARG D 84 17.88 18.86 7.88
N PRO D 85 16.66 19.40 8.08
CA PRO D 85 16.00 20.30 7.12
C PRO D 85 16.52 21.73 7.16
N LEU D 86 16.78 22.28 5.99
CA LEU D 86 17.22 23.66 5.86
C LEU D 86 16.02 24.61 5.92
N LYS D 87 15.06 24.41 5.05
CA LYS D 87 13.90 25.29 4.98
C LYS D 87 12.64 24.65 5.55
N ILE D 88 11.79 25.47 6.16
CA ILE D 88 10.58 24.99 6.82
C ILE D 88 9.41 25.93 6.58
N HIS D 89 8.30 25.39 6.10
CA HIS D 89 7.10 26.17 5.87
C HIS D 89 5.88 25.36 6.34
N LYS D 90 5.17 25.87 7.33
CA LYS D 90 4.10 25.10 7.96
C LYS D 90 2.83 25.93 8.07
N VAL D 91 1.76 25.46 7.43
CA VAL D 91 0.48 26.13 7.51
C VAL D 91 -0.45 25.36 8.46
N ILE D 92 -1.06 26.09 9.39
CA ILE D 92 -1.87 25.47 10.44
C ILE D 92 -3.30 26.02 10.46
N ARG D 93 -4.26 25.16 10.15
CA ARG D 93 -5.68 25.51 10.20
C ARG D 93 -6.07 25.88 11.63
N LEU D 94 -6.85 26.95 11.77
CA LEU D 94 -7.26 27.42 13.09
C LEU D 94 -8.76 27.22 13.34
N PRO D 95 -9.09 26.54 14.44
CA PRO D 95 -10.41 26.15 14.94
C PRO D 95 -11.22 27.34 15.48
N VAL D 96 -10.55 28.18 16.25
CA VAL D 96 -11.11 29.46 16.68
C VAL D 96 -10.27 30.56 16.06
N LYS D 97 -10.88 31.30 15.14
CA LYS D 97 -10.17 32.30 14.37
C LYS D 97 -9.86 33.53 15.21
N VAL D 98 -8.58 33.68 15.56
CA VAL D 98 -8.10 34.85 16.28
C VAL D 98 -8.11 36.06 15.37
N LYS D 99 -8.38 37.24 15.92
CA LYS D 99 -8.38 38.46 15.13
C LYS D 99 -6.98 38.74 14.59
N ARG D 100 -6.91 39.24 13.37
CA ARG D 100 -5.64 39.58 12.75
C ARG D 100 -4.96 40.67 13.57
N ASP D 101 -5.78 41.59 14.07
CA ASP D 101 -5.30 42.73 14.84
C ASP D 101 -4.60 42.29 16.12
N SER D 102 -5.12 41.24 16.76
CA SER D 102 -4.59 40.82 18.05
C SER D 102 -3.12 40.44 17.94
N GLN D 103 -2.34 40.86 18.93
CA GLN D 103 -0.90 40.68 18.94
C GLN D 103 -0.48 39.22 19.06
N VAL D 104 0.59 38.86 18.37
CA VAL D 104 1.15 37.52 18.44
C VAL D 104 2.56 37.56 19.01
N THR D 105 2.80 36.76 20.03
CA THR D 105 4.12 36.70 20.66
C THR D 105 4.72 35.31 20.55
N ALA D 106 5.96 35.24 20.09
CA ALA D 106 6.65 33.97 19.96
C ALA D 106 7.95 33.93 20.77
N LYS D 107 8.12 32.89 21.57
CA LYS D 107 9.35 32.70 22.31
C LYS D 107 10.02 31.38 21.94
N TYR D 108 11.26 31.48 21.49
CA TYR D 108 12.03 30.30 21.08
C TYR D 108 13.13 29.99 22.09
N GLU D 109 12.98 28.88 22.80
CA GLU D 109 13.93 28.49 23.82
C GLU D 109 14.20 26.98 23.80
N ASN D 110 15.47 26.61 23.88
CA ASN D 110 15.89 25.21 23.99
C ASN D 110 15.40 24.35 22.83
N GLY D 111 15.45 24.89 21.61
CA GLY D 111 15.02 24.16 20.44
C GLY D 111 13.51 23.98 20.40
N VAL D 112 12.81 24.78 21.20
CA VAL D 112 11.36 24.73 21.26
C VAL D 112 10.75 26.09 20.96
N LEU D 113 9.79 26.12 20.03
CA LEU D 113 9.10 27.35 19.70
C LEU D 113 7.72 27.39 20.34
N THR D 114 7.43 28.46 21.07
CA THR D 114 6.13 28.65 21.66
C THR D 114 5.50 29.92 21.10
N ILE D 115 4.24 29.82 20.68
CA ILE D 115 3.53 30.96 20.12
C ILE D 115 2.24 31.22 20.87
N ARG D 116 2.05 32.45 21.35
CA ARG D 116 0.82 32.83 22.01
C ARG D 116 0.00 33.75 21.12
N ILE D 117 -1.28 33.41 20.97
CA ILE D 117 -2.19 34.18 20.14
C ILE D 117 -3.46 34.51 20.91
N PRO D 118 -3.80 35.81 21.00
CA PRO D 118 -5.05 36.17 21.68
C PRO D 118 -6.26 35.73 20.87
N VAL D 119 -7.35 35.37 21.54
CA VAL D 119 -8.56 34.94 20.84
C VAL D 119 -9.27 36.12 20.20
N GLY E 1 7.61 -13.32 17.33
CA GLY E 1 6.70 -12.40 16.67
C GLY E 1 6.16 -13.00 15.39
N PRO E 2 4.89 -12.72 15.08
CA PRO E 2 4.20 -13.34 13.94
C PRO E 2 4.72 -12.84 12.60
N GLY E 3 5.08 -11.56 12.54
CA GLY E 3 5.47 -10.93 11.30
C GLY E 3 4.30 -10.19 10.71
N THR E 4 4.56 -9.36 9.70
CA THR E 4 3.51 -8.61 9.04
C THR E 4 3.45 -8.95 7.55
N MET E 5 2.23 -9.08 7.02
CA MET E 5 2.02 -9.33 5.60
C MET E 5 2.60 -8.21 4.74
N MET E 6 2.43 -6.97 5.20
CA MET E 6 2.92 -5.81 4.47
C MET E 6 4.44 -5.87 4.32
N ASN E 7 5.13 -6.24 5.41
CA ASN E 7 6.58 -6.41 5.38
C ASN E 7 6.98 -7.47 4.37
N VAL E 8 6.11 -8.48 4.22
CA VAL E 8 6.33 -9.58 3.30
C VAL E 8 6.04 -9.16 1.85
N ILE E 9 5.09 -8.27 1.67
CA ILE E 9 4.78 -7.73 0.35
C ILE E 9 5.95 -6.89 -0.16
N MET E 10 6.39 -5.96 0.68
CA MET E 10 7.50 -5.07 0.38
C MET E 10 8.75 -5.83 -0.02
N ARG E 11 9.09 -6.85 0.77
CA ARG E 11 10.23 -7.70 0.49
C ARG E 11 10.06 -8.40 -0.85
N GLU E 12 8.83 -8.79 -1.16
CA GLU E 12 8.52 -9.52 -2.38
C GLU E 12 8.68 -8.67 -3.65
N ILE E 13 8.20 -7.44 -3.61
CA ILE E 13 8.27 -6.56 -4.77
C ILE E 13 9.72 -6.14 -4.99
N GLY E 14 10.42 -5.92 -3.88
CA GLY E 14 11.79 -5.44 -3.91
C GLY E 14 12.77 -6.37 -4.60
N LYS E 15 12.69 -7.67 -4.30
CA LYS E 15 13.59 -8.63 -4.93
C LYS E 15 13.37 -8.68 -6.44
N LYS E 16 12.15 -8.37 -6.86
CA LYS E 16 11.78 -8.51 -8.25
C LYS E 16 12.10 -7.28 -9.11
N LEU E 17 12.25 -6.12 -8.46
CA LEU E 17 12.43 -4.87 -9.20
C LEU E 17 13.82 -4.68 -9.79
N ASP E 18 14.78 -5.51 -9.38
CA ASP E 18 16.14 -5.42 -9.91
C ASP E 18 16.10 -5.54 -11.42
N GLU E 19 15.44 -6.59 -11.90
CA GLU E 19 15.10 -6.73 -13.30
C GLU E 19 13.72 -6.14 -13.53
N LEU E 20 13.62 -5.15 -14.42
CA LEU E 20 12.36 -4.46 -14.66
C LEU E 20 11.70 -4.87 -15.97
N SER E 21 10.41 -4.55 -16.09
CA SER E 21 9.62 -4.92 -17.26
C SER E 21 10.02 -4.10 -18.48
N ARG E 22 10.06 -4.75 -19.63
CA ARG E 22 10.31 -4.05 -20.89
C ARG E 22 9.15 -3.10 -21.16
N GLU E 23 7.97 -3.49 -20.70
CA GLU E 23 6.76 -2.69 -20.86
C GLU E 23 6.84 -1.44 -20.00
N PHE E 24 7.51 -1.54 -18.86
CA PHE E 24 7.78 -0.41 -18.00
C PHE E 24 8.70 0.59 -18.70
N TYR E 25 9.71 0.06 -19.37
CA TYR E 25 10.70 0.88 -20.06
C TYR E 25 10.06 1.66 -21.19
N GLU E 26 9.17 0.99 -21.92
CA GLU E 26 8.39 1.60 -22.99
C GLU E 26 7.64 2.84 -22.55
N SER E 27 7.15 2.85 -21.32
CA SER E 27 6.48 4.05 -20.85
C SER E 27 7.52 5.12 -20.55
N VAL E 28 8.67 4.70 -20.04
CA VAL E 28 9.66 5.60 -19.45
C VAL E 28 10.51 6.36 -20.49
N ILE E 29 10.83 5.67 -21.57
CA ILE E 29 11.73 6.20 -22.60
C ILE E 29 11.06 7.36 -23.39
N PRO E 30 11.86 8.29 -23.95
CA PRO E 30 13.27 8.55 -23.67
C PRO E 30 13.48 9.60 -22.61
N PRO E 31 14.65 9.57 -21.97
CA PRO E 31 15.08 10.70 -21.15
C PRO E 31 15.41 11.88 -22.07
N ILE E 32 14.78 13.04 -21.86
CA ILE E 32 14.95 14.15 -22.80
C ILE E 32 15.44 15.43 -22.11
N ASP E 33 16.23 16.21 -22.83
CA ASP E 33 16.55 17.56 -22.39
C ASP E 33 15.70 18.57 -23.16
N MET E 34 15.22 19.59 -22.47
CA MET E 34 14.51 20.67 -23.15
C MET E 34 15.12 22.00 -22.76
N TYR E 35 15.72 22.68 -23.71
CA TYR E 35 16.17 24.04 -23.48
C TYR E 35 15.66 24.97 -24.56
N GLU E 36 15.81 26.27 -24.33
CA GLU E 36 15.45 27.24 -25.35
C GLU E 36 16.65 28.11 -25.69
N GLU E 37 17.03 28.10 -26.96
CA GLU E 37 18.14 28.92 -27.42
C GLU E 37 17.84 29.45 -28.82
N GLY E 38 18.22 30.71 -29.05
CA GLY E 38 18.00 31.34 -30.33
C GLY E 38 16.53 31.43 -30.70
N GLY E 39 15.70 31.70 -29.71
CA GLY E 39 14.27 31.81 -29.92
C GLY E 39 13.65 30.51 -30.40
N GLU E 40 14.29 29.41 -30.06
CA GLU E 40 13.84 28.09 -30.49
C GLU E 40 13.91 27.08 -29.35
N LEU E 41 12.98 26.13 -29.36
CA LEU E 41 12.99 25.05 -28.37
C LEU E 41 13.65 23.81 -28.96
N VAL E 42 14.58 23.22 -28.20
CA VAL E 42 15.30 22.05 -28.66
C VAL E 42 15.15 20.86 -27.70
N VAL E 43 14.88 19.69 -28.27
CA VAL E 43 14.79 18.46 -27.50
C VAL E 43 15.88 17.47 -27.89
N VAL E 44 16.67 17.04 -26.91
CA VAL E 44 17.62 15.96 -27.12
C VAL E 44 17.15 14.73 -26.37
N ALA E 45 16.98 13.62 -27.08
CA ALA E 45 16.44 12.39 -26.49
C ALA E 45 17.31 11.18 -26.78
N ASP E 46 17.31 10.23 -25.85
CA ASP E 46 18.15 9.04 -25.96
C ASP E 46 17.34 7.81 -26.35
N LEU E 47 17.36 7.46 -27.63
CA LEU E 47 16.66 6.27 -28.12
C LEU E 47 17.61 5.39 -28.93
N ALA E 48 18.50 4.70 -28.23
CA ALA E 48 19.49 3.83 -28.87
C ALA E 48 18.84 2.66 -29.59
N GLY E 49 19.49 2.21 -30.67
CA GLY E 49 19.11 0.98 -31.35
C GLY E 49 17.89 1.04 -32.26
N PHE E 50 17.37 2.22 -32.52
CA PHE E 50 16.19 2.37 -33.36
C PHE E 50 16.54 3.02 -34.68
N ASN E 51 15.88 2.56 -35.75
CA ASN E 51 16.20 3.02 -37.09
C ASN E 51 15.50 4.33 -37.40
N LYS E 52 16.23 5.22 -38.08
CA LYS E 52 15.74 6.55 -38.42
C LYS E 52 14.38 6.52 -39.11
N ASP E 53 14.18 5.54 -39.98
CA ASP E 53 12.91 5.40 -40.67
C ASP E 53 11.81 5.00 -39.68
N LYS E 54 12.18 4.21 -38.67
CA LYS E 54 11.22 3.75 -37.67
C LYS E 54 10.75 4.90 -36.79
N ILE E 55 11.61 5.88 -36.58
CA ILE E 55 11.30 6.99 -35.69
C ILE E 55 10.27 7.94 -36.30
N SER E 56 9.31 8.36 -35.49
CA SER E 56 8.33 9.35 -35.91
C SER E 56 8.19 10.46 -34.88
N VAL E 57 8.21 11.70 -35.35
CA VAL E 57 7.97 12.85 -34.48
C VAL E 57 6.77 13.66 -34.97
N ARG E 58 5.81 13.89 -34.08
CA ARG E 58 4.63 14.68 -34.42
C ARG E 58 4.33 15.72 -33.35
N LEU E 59 3.56 16.73 -33.73
CA LEU E 59 3.09 17.75 -32.79
C LEU E 59 1.61 17.58 -32.53
N SER E 60 1.18 17.77 -31.29
CA SER E 60 -0.21 17.56 -30.91
C SER E 60 -1.13 18.69 -31.32
N ALA E 61 -2.43 18.40 -31.38
CA ALA E 61 -3.43 19.45 -31.44
C ALA E 61 -3.34 20.22 -30.12
N GLN E 62 -3.15 19.48 -29.04
CA GLN E 62 -2.85 20.07 -27.74
C GLN E 62 -1.42 20.60 -27.76
N ASN E 63 -1.00 21.21 -26.66
CA ASN E 63 0.31 21.84 -26.59
C ASN E 63 1.46 20.85 -26.78
N GLU E 64 1.20 19.60 -26.44
CA GLU E 64 2.27 18.60 -26.32
C GLU E 64 3.03 18.31 -27.61
N LEU E 65 4.33 18.08 -27.46
CA LEU E 65 5.11 17.46 -28.50
C LEU E 65 4.99 15.95 -28.32
N ILE E 66 5.10 15.19 -29.41
CA ILE E 66 5.00 13.74 -29.31
C ILE E 66 6.05 13.04 -30.13
N ILE E 67 6.79 12.15 -29.47
CA ILE E 67 7.73 11.27 -30.16
C ILE E 67 7.14 9.87 -30.25
N ASN E 68 7.16 9.31 -31.46
CA ASN E 68 6.76 7.94 -31.70
C ASN E 68 7.90 7.16 -32.34
N ALA E 69 8.21 5.98 -31.80
CA ALA E 69 9.06 5.08 -32.55
C ALA E 69 8.73 3.63 -32.22
N GLU E 70 9.36 2.76 -33.00
CA GLU E 70 9.07 1.35 -32.95
C GLU E 70 10.31 0.62 -33.47
N ARG E 71 10.37 -0.68 -33.21
CA ARG E 71 11.51 -1.49 -33.60
C ARG E 71 11.10 -2.93 -33.49
N GLU E 72 11.90 -3.82 -34.06
CA GLU E 72 11.63 -5.25 -33.96
C GLU E 72 12.92 -5.99 -33.58
N ILE E 73 12.79 -6.98 -32.71
CA ILE E 73 13.93 -7.76 -32.26
C ILE E 73 13.60 -9.25 -32.22
N GLN E 74 14.53 -10.08 -32.68
CA GLN E 74 14.40 -11.52 -32.54
C GLN E 74 15.52 -12.04 -31.66
N TYR E 75 15.17 -12.79 -30.62
CA TYR E 75 16.15 -13.26 -29.65
C TYR E 75 16.58 -14.70 -29.96
N ILE E 76 17.88 -14.90 -30.10
CA ILE E 76 18.41 -16.22 -30.42
C ILE E 76 18.92 -16.94 -29.17
N GLY E 77 18.52 -18.19 -29.01
CA GLY E 77 18.89 -18.98 -27.85
C GLY E 77 17.97 -18.70 -26.69
N THR E 78 18.28 -19.29 -25.53
CA THR E 78 17.47 -19.06 -24.34
C THR E 78 17.66 -17.62 -23.87
N LYS E 79 16.56 -16.92 -23.60
CA LYS E 79 16.63 -15.55 -23.12
C LYS E 79 16.37 -15.47 -21.63
N TYR E 80 17.35 -14.96 -20.89
CA TYR E 80 17.23 -14.81 -19.45
C TYR E 80 16.39 -13.57 -19.16
N ALA E 81 16.67 -12.49 -19.88
CA ALA E 81 15.90 -11.25 -19.75
C ALA E 81 15.77 -10.54 -21.09
N THR E 82 14.65 -9.84 -21.26
CA THR E 82 14.43 -9.04 -22.46
C THR E 82 13.90 -7.66 -22.07
N GLN E 83 14.74 -6.88 -21.40
CA GLN E 83 14.35 -5.58 -20.87
C GLN E 83 14.15 -4.52 -21.95
N ARG E 84 14.87 -4.66 -23.06
CA ARG E 84 14.80 -3.66 -24.12
C ARG E 84 13.38 -3.37 -24.60
N PRO E 85 13.06 -2.07 -24.75
CA PRO E 85 11.74 -1.65 -25.19
C PRO E 85 11.58 -1.84 -26.70
N LEU E 86 10.34 -2.01 -27.16
CA LEU E 86 10.10 -2.24 -28.57
C LEU E 86 9.12 -1.22 -29.17
N LYS E 87 8.28 -0.64 -28.32
CA LYS E 87 7.21 0.24 -28.80
C LYS E 87 7.13 1.54 -27.99
N ILE E 88 8.04 2.49 -28.28
CA ILE E 88 8.10 3.74 -27.50
C ILE E 88 7.08 4.73 -28.06
N HIS E 89 6.44 5.47 -27.16
CA HIS E 89 5.51 6.52 -27.50
C HIS E 89 5.54 7.61 -26.42
N LYS E 90 6.60 8.42 -26.44
CA LYS E 90 6.76 9.51 -25.49
C LYS E 90 5.87 10.70 -25.80
N VAL E 91 5.49 11.44 -24.76
CA VAL E 91 4.72 12.66 -24.89
C VAL E 91 5.29 13.70 -23.93
N ILE E 92 5.48 14.92 -24.41
CA ILE E 92 6.05 16.00 -23.61
C ILE E 92 5.17 17.24 -23.62
N ARG E 93 4.87 17.77 -22.43
CA ARG E 93 4.12 19.00 -22.29
C ARG E 93 5.06 20.20 -22.40
N LEU E 94 4.60 21.28 -23.03
CA LEU E 94 5.48 22.40 -23.33
C LEU E 94 5.27 23.59 -22.40
N PRO E 95 6.39 24.16 -21.91
CA PRO E 95 6.46 25.29 -20.98
C PRO E 95 6.22 26.64 -21.66
N VAL E 96 6.79 26.83 -22.85
CA VAL E 96 6.62 28.08 -23.57
C VAL E 96 5.70 27.85 -24.77
N LYS E 97 4.87 28.83 -25.07
CA LYS E 97 3.86 28.69 -26.12
C LYS E 97 4.53 28.45 -27.48
N VAL E 98 4.00 27.49 -28.23
CA VAL E 98 4.57 27.11 -29.52
C VAL E 98 3.61 27.42 -30.66
N ARG E 100 3.40 25.88 -34.22
CA ARG E 100 3.52 24.91 -35.29
C ARG E 100 4.98 24.77 -35.74
N THR E 105 11.30 18.08 -38.22
CA THR E 105 12.22 19.15 -37.87
C THR E 105 13.33 18.66 -36.97
N ALA E 106 13.71 17.39 -37.14
CA ALA E 106 14.61 16.74 -36.20
C ALA E 106 15.72 15.92 -36.87
N LYS E 107 16.85 15.79 -36.17
CA LYS E 107 17.97 14.99 -36.65
C LYS E 107 18.39 13.95 -35.61
N TYR E 108 18.67 12.74 -36.08
CA TYR E 108 19.02 11.62 -35.19
C TYR E 108 20.34 10.98 -35.61
N GLU E 109 21.25 10.83 -34.64
CA GLU E 109 22.52 10.13 -34.88
C GLU E 109 23.12 9.60 -33.57
N ASN E 110 23.77 8.45 -33.64
CA ASN E 110 24.35 7.79 -32.47
C ASN E 110 23.32 7.53 -31.38
N GLY E 111 22.13 7.09 -31.79
CA GLY E 111 21.08 6.75 -30.85
C GLY E 111 20.57 7.94 -30.06
N VAL E 112 20.73 9.13 -30.62
CA VAL E 112 20.26 10.35 -29.99
C VAL E 112 19.41 11.15 -30.97
N LEU E 113 18.27 11.65 -30.49
CA LEU E 113 17.37 12.44 -31.33
C LEU E 113 17.37 13.90 -30.90
N THR E 114 17.58 14.80 -31.87
CA THR E 114 17.54 16.24 -31.61
C THR E 114 16.38 16.89 -32.37
N ILE E 115 15.53 17.62 -31.66
CA ILE E 115 14.35 18.22 -32.28
C ILE E 115 14.29 19.73 -32.03
N ARG E 116 14.00 20.50 -33.08
CA ARG E 116 13.97 21.95 -32.98
C ARG E 116 12.59 22.50 -33.35
N ILE E 117 12.08 23.42 -32.53
CA ILE E 117 10.74 23.94 -32.68
C ILE E 117 10.74 25.46 -32.42
N PRO E 118 9.74 26.20 -32.95
CA PRO E 118 9.73 27.66 -32.80
C PRO E 118 9.90 28.14 -31.35
N THR F 4 16.55 -0.22 -2.09
CA THR F 4 17.25 0.86 -2.76
C THR F 4 16.66 1.14 -4.14
N MET F 5 16.47 0.09 -4.93
CA MET F 5 15.96 0.24 -6.29
C MET F 5 14.48 0.63 -6.27
N MET F 6 13.74 0.13 -5.29
CA MET F 6 12.33 0.48 -5.18
C MET F 6 12.20 1.91 -4.67
N ASN F 7 13.18 2.34 -3.88
CA ASN F 7 13.22 3.72 -3.37
C ASN F 7 13.43 4.71 -4.50
N VAL F 8 14.15 4.28 -5.53
CA VAL F 8 14.40 5.14 -6.68
C VAL F 8 13.10 5.35 -7.47
N ILE F 9 12.36 4.27 -7.67
CA ILE F 9 11.07 4.33 -8.36
C ILE F 9 10.09 5.23 -7.62
N MET F 10 10.03 5.05 -6.30
CA MET F 10 9.05 5.73 -5.45
C MET F 10 9.27 7.24 -5.34
N ARG F 11 10.47 7.69 -5.64
CA ARG F 11 10.80 9.10 -5.62
C ARG F 11 9.96 9.87 -6.63
N GLU F 12 9.74 9.24 -7.78
CA GLU F 12 9.11 9.87 -8.93
C GLU F 12 7.60 9.66 -8.99
N ILE F 13 7.03 9.11 -7.92
CA ILE F 13 5.63 8.71 -7.95
C ILE F 13 4.71 9.90 -8.21
N GLY F 14 5.02 11.04 -7.61
CA GLY F 14 4.23 12.24 -7.84
C GLY F 14 4.28 12.71 -9.29
N LYS F 15 5.47 12.63 -9.89
CA LYS F 15 5.72 13.20 -11.21
C LYS F 15 5.02 12.52 -12.39
N LYS F 16 4.66 13.32 -13.38
CA LYS F 16 4.14 12.85 -14.66
C LYS F 16 5.26 12.26 -15.52
N LEU F 17 4.90 11.41 -16.47
CA LEU F 17 5.89 10.66 -17.24
C LEU F 17 6.94 11.53 -17.93
N ASP F 18 6.63 12.80 -18.17
CA ASP F 18 7.63 13.66 -18.77
C ASP F 18 8.58 14.21 -17.71
N GLU F 19 8.04 14.48 -16.52
CA GLU F 19 8.82 15.07 -15.42
C GLU F 19 9.82 14.11 -14.76
N LEU F 20 9.89 12.87 -15.22
CA LEU F 20 10.70 11.87 -14.53
C LEU F 20 12.17 12.30 -14.45
N SER F 21 12.69 12.35 -13.23
CA SER F 21 13.97 13.00 -12.96
C SER F 21 15.18 12.35 -13.62
N ARG F 22 16.32 13.03 -13.55
CA ARG F 22 17.58 12.55 -14.12
C ARG F 22 18.17 11.43 -13.26
N GLU F 23 18.21 11.66 -11.95
CA GLU F 23 18.72 10.68 -10.99
C GLU F 23 18.00 9.35 -11.17
N PHE F 24 16.70 9.45 -11.42
CA PHE F 24 15.89 8.30 -11.83
C PHE F 24 16.56 7.57 -12.99
N TYR F 25 16.78 8.29 -14.08
CA TYR F 25 17.27 7.66 -15.31
C TYR F 25 18.66 7.05 -15.17
N GLU F 26 19.50 7.67 -14.34
CA GLU F 26 20.85 7.15 -14.13
C GLU F 26 20.81 5.75 -13.52
N SER F 27 19.89 5.53 -12.58
CA SER F 27 19.74 4.23 -11.94
C SER F 27 19.10 3.21 -12.89
N VAL F 28 18.16 3.66 -13.69
CA VAL F 28 17.38 2.79 -14.57
C VAL F 28 18.20 2.24 -15.74
N ILE F 29 18.77 3.15 -16.53
CA ILE F 29 19.60 2.81 -17.70
C ILE F 29 20.75 1.88 -17.31
N PRO F 30 21.10 0.92 -18.19
CA PRO F 30 20.43 0.55 -19.44
C PRO F 30 19.51 -0.66 -19.32
N PRO F 31 18.43 -0.68 -20.12
CA PRO F 31 17.59 -1.87 -20.28
C PRO F 31 18.34 -2.92 -21.08
N ILE F 32 18.50 -4.12 -20.56
CA ILE F 32 19.33 -5.09 -21.23
C ILE F 32 18.59 -6.36 -21.63
N ASP F 33 19.01 -6.95 -22.75
CA ASP F 33 18.55 -8.26 -23.17
C ASP F 33 19.71 -9.24 -23.06
N MET F 34 19.53 -10.30 -22.29
CA MET F 34 20.58 -11.28 -22.10
C MET F 34 20.22 -12.61 -22.75
N TYR F 35 21.11 -13.09 -23.62
CA TYR F 35 20.96 -14.42 -24.20
C TYR F 35 22.32 -15.07 -24.35
N GLU F 36 22.33 -16.34 -24.78
CA GLU F 36 23.57 -17.09 -24.86
C GLU F 36 23.58 -18.03 -26.05
N GLU F 37 24.57 -17.88 -26.92
CA GLU F 37 24.67 -18.70 -28.12
C GLU F 37 25.97 -19.49 -28.18
N GLY F 38 25.84 -20.79 -28.39
CA GLY F 38 26.98 -21.66 -28.56
C GLY F 38 27.94 -21.66 -27.38
N GLY F 39 27.38 -21.53 -26.18
CA GLY F 39 28.19 -21.49 -24.98
C GLY F 39 28.94 -20.18 -24.87
N GLU F 40 28.41 -19.14 -25.53
CA GLU F 40 28.90 -17.79 -25.37
C GLU F 40 27.78 -16.96 -24.75
N LEU F 41 28.13 -16.02 -23.90
CA LEU F 41 27.11 -15.14 -23.32
C LEU F 41 27.14 -13.78 -24.00
N VAL F 42 25.96 -13.26 -24.32
CA VAL F 42 25.84 -12.01 -25.04
C VAL F 42 24.95 -11.03 -24.29
N VAL F 43 25.40 -9.78 -24.16
CA VAL F 43 24.63 -8.76 -23.47
C VAL F 43 24.24 -7.65 -24.43
N VAL F 44 23.03 -7.16 -24.31
CA VAL F 44 22.53 -6.13 -25.21
C VAL F 44 21.98 -4.96 -24.39
N ALA F 45 22.53 -3.77 -24.61
CA ALA F 45 22.18 -2.62 -23.76
C ALA F 45 22.01 -1.33 -24.54
N ASP F 46 21.01 -0.54 -24.15
CA ASP F 46 20.70 0.72 -24.81
C ASP F 46 21.32 1.93 -24.11
N LEU F 47 22.51 2.31 -24.55
CA LEU F 47 23.17 3.51 -24.04
C LEU F 47 23.24 4.57 -25.13
N ALA F 48 23.00 5.83 -24.81
CA ALA F 48 22.99 6.85 -25.86
C ALA F 48 23.71 8.12 -25.49
N GLY F 49 24.36 8.71 -26.49
CA GLY F 49 25.09 9.95 -26.31
C GLY F 49 26.30 9.78 -25.43
N PHE F 50 26.92 8.60 -25.51
CA PHE F 50 28.12 8.31 -24.73
C PHE F 50 29.32 8.09 -25.65
N ASN F 51 30.46 8.66 -25.25
CA ASN F 51 31.70 8.43 -25.97
C ASN F 51 32.27 7.06 -25.63
N LYS F 52 32.73 6.34 -26.65
CA LYS F 52 33.19 4.97 -26.49
C LYS F 52 34.36 4.84 -25.50
N ASP F 53 35.20 5.87 -25.45
CA ASP F 53 36.35 5.86 -24.53
C ASP F 53 35.90 5.93 -23.08
N LYS F 54 34.82 6.68 -22.83
CA LYS F 54 34.33 6.88 -21.48
C LYS F 54 33.72 5.61 -20.90
N ILE F 55 33.17 4.77 -21.77
CA ILE F 55 32.50 3.56 -21.32
C ILE F 55 33.50 2.54 -20.79
N SER F 56 33.13 1.90 -19.69
CA SER F 56 34.00 0.92 -19.02
C SER F 56 33.23 -0.31 -18.60
N VAL F 57 33.82 -1.49 -18.81
CA VAL F 57 33.18 -2.74 -18.44
C VAL F 57 34.14 -3.68 -17.73
N ARG F 58 33.68 -4.27 -16.62
CA ARG F 58 34.47 -5.27 -15.91
C ARG F 58 33.59 -6.14 -15.02
N LEU F 59 34.17 -7.25 -14.57
CA LEU F 59 33.53 -8.10 -13.58
C LEU F 59 34.32 -8.03 -12.28
N SER F 60 33.75 -7.39 -11.27
CA SER F 60 34.44 -7.18 -10.01
C SER F 60 34.16 -8.29 -9.00
N ALA F 61 33.24 -9.19 -9.35
CA ALA F 61 32.98 -10.37 -8.54
C ALA F 61 32.99 -11.63 -9.40
N GLN F 62 33.09 -12.79 -8.75
CA GLN F 62 33.12 -14.09 -9.42
C GLN F 62 31.91 -14.27 -10.32
N ASN F 63 30.74 -13.86 -9.84
CA ASN F 63 29.52 -13.91 -10.63
C ASN F 63 28.77 -12.58 -10.63
N GLU F 64 29.36 -11.57 -11.26
CA GLU F 64 28.70 -10.28 -11.41
C GLU F 64 29.12 -9.61 -12.72
N LEU F 65 28.21 -8.82 -13.27
CA LEU F 65 28.49 -8.04 -14.48
C LEU F 65 28.31 -6.56 -14.19
N ILE F 66 29.36 -5.78 -14.40
CA ILE F 66 29.27 -4.35 -14.14
C ILE F 66 29.55 -3.54 -15.40
N ILE F 67 28.66 -2.60 -15.70
CA ILE F 67 28.86 -1.69 -16.82
C ILE F 67 28.95 -0.28 -16.29
N ASN F 68 30.04 0.41 -16.59
CA ASN F 68 30.22 1.79 -16.18
C ASN F 68 30.36 2.73 -17.37
N ALA F 69 29.73 3.89 -17.27
CA ALA F 69 29.69 4.84 -18.36
C ALA F 69 29.53 6.25 -17.82
N GLU F 70 30.26 7.19 -18.42
CA GLU F 70 30.23 8.57 -17.96
C GLU F 70 30.26 9.54 -19.14
N ARG F 71 29.68 10.72 -18.93
CA ARG F 71 29.70 11.78 -19.93
C ARG F 71 29.47 13.15 -19.31
N GLU F 72 29.85 14.21 -20.02
CA GLU F 72 29.58 15.56 -19.56
C GLU F 72 28.69 16.31 -20.55
N ILE F 73 27.74 17.06 -20.02
CA ILE F 73 26.80 17.81 -20.85
C ILE F 73 26.75 19.29 -20.45
N GLN F 74 27.05 20.16 -21.42
CA GLN F 74 26.98 21.59 -21.22
C GLN F 74 25.71 22.12 -21.88
N TYR F 75 24.91 22.87 -21.11
CA TYR F 75 23.60 23.31 -21.59
C TYR F 75 23.58 24.79 -21.95
N ILE F 76 23.31 25.08 -23.22
CA ILE F 76 23.26 26.46 -23.69
C ILE F 76 21.82 26.97 -23.73
N GLY F 77 21.60 28.17 -23.21
CA GLY F 77 20.28 28.76 -23.16
C GLY F 77 19.55 28.35 -21.89
N THR F 78 18.35 28.88 -21.70
CA THR F 78 17.54 28.51 -20.54
C THR F 78 17.14 27.03 -20.65
N LYS F 79 17.57 26.23 -19.68
CA LYS F 79 17.24 24.81 -19.69
C LYS F 79 15.98 24.54 -18.87
N TYR F 80 15.01 23.88 -19.49
CA TYR F 80 13.72 23.60 -18.83
C TYR F 80 13.68 22.21 -18.21
N ALA F 81 14.42 21.28 -18.79
CA ALA F 81 14.47 19.92 -18.27
C ALA F 81 15.85 19.32 -18.51
N THR F 82 16.27 18.42 -17.62
CA THR F 82 17.56 17.73 -17.75
C THR F 82 17.42 16.26 -17.38
N GLN F 83 16.81 15.45 -18.25
CA GLN F 83 16.57 14.04 -17.94
C GLN F 83 17.73 13.11 -18.29
N ARG F 84 18.39 13.39 -19.41
CA ARG F 84 19.51 12.56 -19.88
C ARG F 84 20.61 12.43 -18.82
N PRO F 85 21.01 11.19 -18.52
CA PRO F 85 21.93 10.85 -17.43
C PRO F 85 23.40 11.18 -17.71
N LEU F 86 24.12 11.63 -16.68
CA LEU F 86 25.54 11.93 -16.81
C LEU F 86 26.37 10.67 -16.58
N LYS F 87 26.03 9.91 -15.54
CA LYS F 87 26.79 8.74 -15.14
C LYS F 87 25.91 7.49 -14.99
N ILE F 88 26.38 6.37 -15.53
CA ILE F 88 25.65 5.12 -15.48
C ILE F 88 26.46 4.02 -14.79
N HIS F 89 25.86 3.38 -13.79
CA HIS F 89 26.53 2.32 -13.05
C HIS F 89 25.60 1.13 -12.86
N LYS F 90 25.20 0.51 -13.97
CA LYS F 90 24.37 -0.68 -13.92
C LYS F 90 25.21 -1.89 -13.51
N VAL F 91 24.63 -2.74 -12.66
CA VAL F 91 25.32 -3.95 -12.22
C VAL F 91 24.46 -5.18 -12.46
N ILE F 92 24.44 -5.67 -13.70
CA ILE F 92 23.76 -6.91 -14.02
C ILE F 92 24.45 -8.05 -13.29
N ARG F 93 23.73 -9.12 -12.98
CA ARG F 93 24.40 -10.26 -12.38
C ARG F 93 24.44 -11.43 -13.35
N LEU F 94 25.63 -11.96 -13.54
CA LEU F 94 25.85 -13.06 -14.48
C LEU F 94 25.31 -14.36 -13.90
N PRO F 95 24.42 -15.02 -14.65
CA PRO F 95 23.91 -16.34 -14.28
C PRO F 95 24.94 -17.44 -14.48
N SER F 102 36.09 -16.13 -18.92
CA SER F 102 36.50 -15.04 -18.07
C SER F 102 36.82 -13.79 -18.88
N GLN F 103 36.63 -13.89 -20.20
CA GLN F 103 37.02 -12.80 -21.11
C GLN F 103 35.80 -12.22 -21.84
N VAL F 104 35.58 -10.92 -21.66
CA VAL F 104 34.42 -10.25 -22.23
C VAL F 104 34.80 -9.28 -23.36
N THR F 105 34.22 -9.48 -24.53
CA THR F 105 34.47 -8.63 -25.68
C THR F 105 33.29 -7.72 -25.97
N ALA F 106 33.56 -6.43 -26.12
CA ALA F 106 32.47 -5.45 -26.25
C ALA F 106 32.74 -4.38 -27.30
N LYS F 107 31.78 -4.22 -28.22
CA LYS F 107 31.79 -3.11 -29.16
C LYS F 107 30.47 -2.34 -29.09
N TYR F 108 30.57 -1.01 -28.96
CA TYR F 108 29.41 -0.15 -28.79
C TYR F 108 29.21 0.75 -30.01
N GLU F 109 28.09 0.54 -30.71
CA GLU F 109 27.82 1.22 -31.98
C GLU F 109 26.37 1.70 -32.10
N ASN F 110 26.19 2.92 -32.61
CA ASN F 110 24.87 3.49 -32.85
C ASN F 110 23.96 3.35 -31.63
N GLY F 111 24.51 3.72 -30.47
CA GLY F 111 23.81 3.60 -29.21
C GLY F 111 24.00 2.25 -28.54
N VAL F 112 23.65 1.19 -29.26
CA VAL F 112 23.68 -0.16 -28.72
C VAL F 112 25.07 -0.59 -28.27
N LEU F 113 25.16 -1.05 -27.03
CA LEU F 113 26.39 -1.63 -26.51
C LEU F 113 26.20 -3.12 -26.30
N THR F 114 27.15 -3.90 -26.79
CA THR F 114 27.06 -5.36 -26.74
C THR F 114 28.27 -5.98 -26.06
N ILE F 115 28.03 -6.98 -25.20
CA ILE F 115 29.11 -7.65 -24.50
C ILE F 115 29.12 -9.15 -24.79
N ARG F 116 30.31 -9.70 -25.01
CA ARG F 116 30.47 -11.12 -25.32
C ARG F 116 31.23 -11.86 -24.24
N ILE F 117 30.60 -12.89 -23.68
CA ILE F 117 31.23 -13.68 -22.62
C ILE F 117 31.27 -15.16 -22.97
N PRO F 118 32.19 -15.93 -22.35
CA PRO F 118 32.23 -17.38 -22.54
C PRO F 118 30.88 -18.05 -22.34
N GLY G 1 15.18 -3.89 14.16
CA GLY G 1 16.22 -3.07 13.56
C GLY G 1 15.84 -1.60 13.49
N PRO G 2 16.29 -0.91 12.43
CA PRO G 2 16.04 0.51 12.21
C PRO G 2 14.56 0.87 12.20
N GLY G 3 13.74 -0.03 11.65
CA GLY G 3 12.32 0.22 11.54
C GLY G 3 11.92 0.52 10.11
N THR G 4 10.68 0.20 9.78
CA THR G 4 10.16 0.39 8.43
C THR G 4 9.23 1.60 8.39
N MET G 5 9.44 2.49 7.43
CA MET G 5 8.56 3.62 7.23
C MET G 5 7.17 3.12 6.87
N MET G 6 7.11 2.18 5.94
CA MET G 6 5.86 1.58 5.51
C MET G 6 5.04 1.06 6.69
N ASN G 7 5.70 0.43 7.64
CA ASN G 7 5.05 0.02 8.89
C ASN G 7 4.44 1.22 9.60
N VAL G 8 5.24 2.26 9.76
CA VAL G 8 4.80 3.50 10.38
C VAL G 8 3.57 4.04 9.67
N ILE G 9 3.64 4.10 8.34
CA ILE G 9 2.53 4.57 7.53
C ILE G 9 1.27 3.73 7.78
N MET G 10 1.45 2.42 7.78
CA MET G 10 0.34 1.49 8.04
C MET G 10 -0.25 1.67 9.43
N ARG G 11 0.63 1.80 10.43
CA ARG G 11 0.19 2.01 11.80
C ARG G 11 -0.59 3.31 11.90
N GLU G 12 -0.17 4.30 11.11
CA GLU G 12 -0.81 5.62 11.12
C GLU G 12 -2.23 5.57 10.57
N ILE G 13 -2.38 4.97 9.40
CA ILE G 13 -3.66 4.95 8.69
C ILE G 13 -4.76 4.22 9.47
N GLY G 14 -4.38 3.15 10.15
CA GLY G 14 -5.34 2.36 10.93
C GLY G 14 -6.14 3.15 11.94
N LYS G 15 -5.46 3.72 12.94
CA LYS G 15 -6.10 4.52 13.97
C LYS G 15 -6.94 5.64 13.36
N LYS G 16 -6.49 6.17 12.24
CA LYS G 16 -7.20 7.25 11.57
C LYS G 16 -8.49 6.76 10.90
N LEU G 17 -8.45 5.58 10.31
CA LEU G 17 -9.61 5.02 9.61
C LEU G 17 -10.77 4.66 10.53
N ASP G 18 -10.59 4.86 11.83
CA ASP G 18 -11.67 4.69 12.80
C ASP G 18 -12.78 5.71 12.55
N GLU G 19 -12.38 6.89 12.06
CA GLU G 19 -13.32 7.95 11.74
C GLU G 19 -13.28 8.24 10.24
N LEU G 20 -14.41 8.05 9.57
CA LEU G 20 -14.44 8.14 8.12
C LEU G 20 -15.04 9.44 7.58
N SER G 21 -14.49 9.91 6.46
CA SER G 21 -14.90 11.17 5.87
C SER G 21 -16.29 11.12 5.27
N ARG G 22 -16.95 12.27 5.28
CA ARG G 22 -18.26 12.45 4.66
C ARG G 22 -18.24 12.05 3.20
N GLU G 23 -17.15 12.44 2.52
CA GLU G 23 -16.95 12.10 1.11
C GLU G 23 -16.96 10.60 0.91
N PHE G 24 -16.26 9.89 1.79
CA PHE G 24 -16.19 8.43 1.71
C PHE G 24 -17.57 7.81 1.67
N TYR G 25 -18.46 8.30 2.52
CA TYR G 25 -19.81 7.80 2.59
C TYR G 25 -20.58 8.13 1.31
N GLU G 26 -20.45 9.36 0.82
CA GLU G 26 -21.11 9.80 -0.41
C GLU G 26 -20.86 8.84 -1.58
N SER G 27 -19.66 8.29 -1.64
CA SER G 27 -19.34 7.32 -2.68
C SER G 27 -19.92 5.95 -2.37
N VAL G 28 -19.83 5.54 -1.11
CA VAL G 28 -20.20 4.18 -0.71
C VAL G 28 -21.72 3.96 -0.57
N ILE G 29 -22.41 4.91 0.09
CA ILE G 29 -23.86 4.81 0.31
C ILE G 29 -24.57 4.98 -1.04
N PRO G 30 -25.70 4.27 -1.24
CA PRO G 30 -26.40 3.29 -0.40
C PRO G 30 -26.03 1.82 -0.60
N PRO G 31 -26.31 0.99 0.41
CA PRO G 31 -26.35 -0.46 0.20
C PRO G 31 -27.60 -0.81 -0.54
N ILE G 32 -27.55 -1.82 -1.41
CA ILE G 32 -28.76 -2.27 -2.05
C ILE G 32 -28.89 -3.78 -2.04
N ASP G 33 -30.10 -4.24 -2.26
CA ASP G 33 -30.36 -5.66 -2.49
C ASP G 33 -30.95 -5.78 -3.88
N MET G 34 -30.45 -6.74 -4.65
CA MET G 34 -30.91 -6.93 -6.01
C MET G 34 -31.28 -8.39 -6.27
N TYR G 35 -32.53 -8.61 -6.67
CA TYR G 35 -32.99 -9.96 -6.94
C TYR G 35 -33.89 -10.00 -8.16
N GLU G 36 -33.95 -11.18 -8.80
CA GLU G 36 -34.85 -11.39 -9.92
C GLU G 36 -35.97 -12.33 -9.51
N GLU G 37 -37.21 -11.87 -9.69
CA GLU G 37 -38.39 -12.64 -9.35
C GLU G 37 -39.56 -12.25 -10.23
N GLY G 38 -40.20 -13.25 -10.83
CA GLY G 38 -41.36 -13.01 -11.69
C GLY G 38 -40.99 -12.22 -12.93
N GLY G 39 -39.80 -12.45 -13.45
CA GLY G 39 -39.34 -11.73 -14.63
C GLY G 39 -39.20 -10.25 -14.32
N GLU G 40 -38.66 -9.93 -13.16
CA GLU G 40 -38.53 -8.55 -12.73
C GLU G 40 -37.30 -8.38 -11.84
N LEU G 41 -36.56 -7.32 -12.06
CA LEU G 41 -35.36 -7.05 -11.28
C LEU G 41 -35.65 -5.96 -10.26
N VAL G 42 -35.69 -6.35 -8.99
CA VAL G 42 -35.99 -5.41 -7.92
C VAL G 42 -34.73 -4.98 -7.19
N VAL G 43 -34.62 -3.70 -6.90
CA VAL G 43 -33.48 -3.19 -6.14
C VAL G 43 -33.98 -2.30 -4.99
N VAL G 44 -33.44 -2.54 -3.80
CA VAL G 44 -33.89 -1.83 -2.60
C VAL G 44 -32.72 -1.06 -1.99
N ALA G 45 -32.90 0.22 -1.74
CA ALA G 45 -31.78 1.05 -1.27
C ALA G 45 -32.06 1.78 0.04
N ASP G 46 -31.05 1.81 0.91
CA ASP G 46 -31.13 2.56 2.17
C ASP G 46 -30.70 4.01 1.97
N LEU G 47 -31.67 4.92 1.88
CA LEU G 47 -31.37 6.36 1.79
C LEU G 47 -32.14 7.16 2.82
N ALA G 48 -31.64 7.18 4.05
CA ALA G 48 -32.28 7.92 5.13
C ALA G 48 -32.09 9.43 4.98
N GLY G 49 -33.20 10.17 5.06
CA GLY G 49 -33.14 11.62 5.20
C GLY G 49 -33.18 12.46 3.93
N PHE G 50 -33.42 11.83 2.79
CA PHE G 50 -33.62 12.55 1.53
C PHE G 50 -35.12 12.55 1.21
N ASN G 51 -35.72 13.68 0.87
CA ASN G 51 -37.14 13.69 0.48
C ASN G 51 -37.35 13.05 -0.90
N LYS G 52 -38.51 12.44 -1.10
CA LYS G 52 -38.88 11.74 -2.34
C LYS G 52 -38.61 12.54 -3.62
N ASP G 53 -38.93 13.82 -3.59
CA ASP G 53 -38.74 14.68 -4.76
C ASP G 53 -37.26 14.83 -5.10
N LYS G 54 -36.43 14.89 -4.08
CA LYS G 54 -35.00 15.10 -4.27
C LYS G 54 -34.32 13.87 -4.84
N ILE G 55 -34.92 12.70 -4.64
CA ILE G 55 -34.34 11.46 -5.15
C ILE G 55 -34.78 11.23 -6.59
N SER G 56 -33.81 10.86 -7.44
CA SER G 56 -34.09 10.65 -8.86
C SER G 56 -33.60 9.28 -9.31
N VAL G 57 -34.41 8.60 -10.12
CA VAL G 57 -34.00 7.32 -10.70
C VAL G 57 -33.95 7.40 -12.22
N ARG G 58 -32.84 6.97 -12.80
CA ARG G 58 -32.66 6.99 -14.25
C ARG G 58 -32.11 5.68 -14.77
N LEU G 59 -32.60 5.24 -15.93
CA LEU G 59 -32.03 4.10 -16.62
C LEU G 59 -31.00 4.61 -17.63
N SER G 60 -29.75 4.18 -17.47
CA SER G 60 -28.68 4.65 -18.33
C SER G 60 -28.75 4.03 -19.71
N ALA G 61 -28.07 4.65 -20.66
CA ALA G 61 -27.98 4.11 -22.01
C ALA G 61 -27.19 2.81 -21.98
N GLN G 62 -26.16 2.80 -21.14
CA GLN G 62 -25.46 1.60 -20.79
C GLN G 62 -26.39 0.82 -19.88
N ASN G 63 -26.18 -0.49 -19.76
CA ASN G 63 -27.09 -1.31 -19.00
C ASN G 63 -26.75 -1.18 -17.53
N GLU G 64 -27.08 -0.03 -16.97
CA GLU G 64 -26.79 0.27 -15.59
C GLU G 64 -27.94 1.04 -14.94
N LEU G 65 -28.08 0.92 -13.63
CA LEU G 65 -29.06 1.72 -12.91
C LEU G 65 -28.37 2.84 -12.12
N ILE G 66 -28.92 4.04 -12.23
CA ILE G 66 -28.33 5.20 -11.56
C ILE G 66 -29.31 5.83 -10.58
N ILE G 67 -28.89 5.99 -9.33
CA ILE G 67 -29.70 6.69 -8.35
C ILE G 67 -29.06 8.03 -8.01
N ASN G 68 -29.85 9.10 -8.12
CA ASN G 68 -29.35 10.42 -7.76
C ASN G 68 -30.23 11.08 -6.72
N ALA G 69 -29.58 11.62 -5.70
CA ALA G 69 -30.28 12.33 -4.65
C ALA G 69 -29.39 13.42 -4.07
N GLU G 70 -29.98 14.56 -3.75
CA GLU G 70 -29.24 15.64 -3.13
C GLU G 70 -30.02 16.22 -1.96
N ARG G 71 -29.30 16.84 -1.03
CA ARG G 71 -29.95 17.49 0.11
C ARG G 71 -29.09 18.58 0.72
N GLU G 72 -29.75 19.50 1.43
CA GLU G 72 -29.08 20.54 2.17
C GLU G 72 -29.32 20.36 3.67
N ILE G 73 -28.26 20.50 4.44
CA ILE G 73 -28.33 20.26 5.88
C ILE G 73 -27.96 21.50 6.69
N GLN G 74 -28.83 21.88 7.61
CA GLN G 74 -28.54 22.99 8.52
C GLN G 74 -27.42 22.58 9.47
N TYR G 75 -26.53 23.52 9.77
CA TYR G 75 -25.35 23.24 10.59
C TYR G 75 -25.22 24.19 11.77
N ILE G 76 -26.11 24.03 12.74
CA ILE G 76 -26.10 24.85 13.94
C ILE G 76 -25.06 24.36 14.95
N GLY G 77 -24.64 25.25 15.84
CA GLY G 77 -23.74 24.90 16.93
C GLY G 77 -22.33 24.53 16.50
N THR G 78 -21.62 23.86 17.40
CA THR G 78 -20.25 23.40 17.16
C THR G 78 -20.24 22.01 16.53
N LYS G 79 -19.83 21.91 15.28
CA LYS G 79 -19.83 20.61 14.59
C LYS G 79 -18.52 19.88 14.84
N TYR G 80 -18.64 18.64 15.28
CA TYR G 80 -17.46 17.85 15.64
C TYR G 80 -17.15 16.83 14.54
N ALA G 81 -18.18 16.20 14.03
CA ALA G 81 -18.05 15.28 12.90
C ALA G 81 -19.30 15.34 12.04
N THR G 82 -19.11 15.37 10.72
CA THR G 82 -20.22 15.42 9.79
C THR G 82 -20.12 14.32 8.71
N GLN G 83 -20.41 13.08 9.09
CA GLN G 83 -20.21 11.95 8.19
C GLN G 83 -21.30 11.76 7.12
N ARG G 84 -22.55 12.08 7.45
CA ARG G 84 -23.66 11.78 6.53
C ARG G 84 -23.67 12.67 5.28
N PRO G 85 -23.89 12.05 4.10
CA PRO G 85 -23.82 12.56 2.73
C PRO G 85 -24.90 13.57 2.32
N LEU G 86 -24.46 14.67 1.71
CA LEU G 86 -25.36 15.75 1.32
C LEU G 86 -25.92 15.53 -0.08
N LYS G 87 -25.12 14.91 -0.94
CA LYS G 87 -25.52 14.65 -2.31
C LYS G 87 -25.05 13.27 -2.75
N ILE G 88 -25.97 12.47 -3.29
CA ILE G 88 -25.66 11.09 -3.67
C ILE G 88 -25.78 10.81 -5.16
N HIS G 89 -24.74 10.18 -5.69
CA HIS G 89 -24.74 9.63 -7.04
C HIS G 89 -24.26 8.18 -6.96
N LYS G 90 -25.12 7.24 -7.39
CA LYS G 90 -24.82 5.82 -7.29
C LYS G 90 -25.08 5.09 -8.61
N VAL G 91 -24.12 4.29 -9.05
CA VAL G 91 -24.21 3.61 -10.33
C VAL G 91 -24.11 2.08 -10.19
N ILE G 92 -25.17 1.38 -10.61
CA ILE G 92 -25.22 -0.07 -10.49
C ILE G 92 -25.37 -0.75 -11.84
N ARG G 93 -24.44 -1.65 -12.17
CA ARG G 93 -24.50 -2.38 -13.43
C ARG G 93 -25.33 -3.67 -13.26
N LEU G 94 -26.44 -3.73 -13.98
CA LEU G 94 -27.44 -4.77 -13.79
C LEU G 94 -26.95 -6.15 -14.23
N PRO G 95 -27.24 -7.18 -13.41
CA PRO G 95 -26.76 -8.55 -13.62
C PRO G 95 -27.36 -9.20 -14.86
N VAL G 96 -28.63 -8.94 -15.12
CA VAL G 96 -29.26 -9.49 -16.31
C VAL G 96 -29.79 -8.38 -17.21
N LYS G 97 -30.02 -8.74 -18.46
CA LYS G 97 -30.51 -7.82 -19.48
C LYS G 97 -31.90 -7.27 -19.15
N VAL G 98 -32.11 -5.96 -19.27
CA VAL G 98 -33.41 -5.36 -18.94
C VAL G 98 -34.01 -4.51 -20.07
N LYS G 99 -35.33 -4.31 -20.01
CA LYS G 99 -36.03 -3.45 -20.97
C LYS G 99 -35.48 -2.03 -20.89
N ARG G 100 -35.27 -1.41 -22.05
CA ARG G 100 -34.48 -0.19 -22.14
C ARG G 100 -35.05 1.04 -21.45
N ASP G 101 -36.37 1.24 -21.53
CA ASP G 101 -36.92 2.53 -21.12
C ASP G 101 -38.26 2.51 -20.37
N SER G 102 -38.29 3.24 -19.26
CA SER G 102 -39.49 3.83 -18.65
C SER G 102 -40.38 2.93 -17.80
N GLN G 103 -40.10 1.64 -17.74
CA GLN G 103 -41.03 0.74 -17.05
C GLN G 103 -40.76 0.65 -15.54
N VAL G 104 -39.54 0.97 -15.12
CA VAL G 104 -39.17 0.86 -13.71
C VAL G 104 -39.80 1.98 -12.88
N THR G 105 -40.26 1.64 -11.68
CA THR G 105 -40.85 2.64 -10.78
C THR G 105 -40.22 2.55 -9.40
N ALA G 106 -40.35 3.63 -8.62
CA ALA G 106 -39.72 3.73 -7.31
C ALA G 106 -40.73 3.96 -6.18
N LYS G 107 -40.47 3.32 -5.04
CA LYS G 107 -41.25 3.54 -3.84
C LYS G 107 -40.32 3.92 -2.68
N TYR G 108 -40.64 5.00 -1.98
CA TYR G 108 -39.78 5.50 -0.92
C TYR G 108 -40.52 5.61 0.41
N GLU G 109 -40.15 4.73 1.35
CA GLU G 109 -40.76 4.69 2.67
C GLU G 109 -39.74 4.36 3.74
N ASN G 110 -39.90 4.94 4.93
CA ASN G 110 -39.00 4.69 6.04
C ASN G 110 -37.54 4.92 5.64
N GLY G 111 -37.33 5.88 4.75
CA GLY G 111 -36.01 6.17 4.25
C GLY G 111 -35.48 5.09 3.31
N VAL G 112 -36.37 4.20 2.87
CA VAL G 112 -35.97 3.10 1.99
C VAL G 112 -36.50 3.29 0.57
N LEU G 113 -35.58 3.28 -0.39
CA LEU G 113 -35.93 3.40 -1.81
C LEU G 113 -36.03 2.03 -2.47
N THR G 114 -37.19 1.71 -3.03
CA THR G 114 -37.40 0.43 -3.69
C THR G 114 -37.65 0.60 -5.19
N ILE G 115 -36.82 -0.04 -6.01
CA ILE G 115 -37.01 0.01 -7.46
C ILE G 115 -37.40 -1.35 -8.03
N ARG G 116 -38.39 -1.36 -8.91
CA ARG G 116 -38.78 -2.58 -9.60
C ARG G 116 -38.68 -2.38 -11.10
N ILE G 117 -37.73 -3.08 -11.71
CA ILE G 117 -37.51 -2.96 -13.15
C ILE G 117 -37.80 -4.29 -13.83
N PRO G 118 -38.45 -4.25 -14.99
CA PRO G 118 -38.79 -5.49 -15.70
C PRO G 118 -37.60 -6.06 -16.45
N VAL G 119 -37.37 -7.36 -16.27
CA VAL G 119 -36.30 -8.05 -16.98
C VAL G 119 -36.60 -8.12 -18.48
N GLU G 120 -35.58 -8.44 -19.27
CA GLU G 120 -35.75 -8.63 -20.70
C GLU G 120 -36.31 -10.03 -20.97
N GLY G 121 -37.26 -10.11 -21.89
CA GLY G 121 -37.92 -11.37 -22.20
C GLY G 121 -39.10 -11.64 -21.28
N SER G 122 -39.47 -10.64 -20.49
CA SER G 122 -40.62 -10.75 -19.61
C SER G 122 -41.90 -10.84 -20.42
N VAL G 123 -42.96 -11.38 -19.81
CA VAL G 123 -44.24 -11.52 -20.51
C VAL G 123 -45.29 -10.61 -19.89
N SER G 124 -45.89 -9.76 -20.71
CA SER G 124 -46.92 -8.83 -20.24
C SER G 124 -48.19 -9.56 -19.85
N THR H 4 -8.53 -2.81 12.65
CA THR H 4 -9.59 -3.76 12.33
C THR H 4 -10.59 -3.15 11.34
N MET H 5 -10.91 -1.88 11.55
CA MET H 5 -11.80 -1.16 10.64
C MET H 5 -11.17 -1.09 9.25
N MET H 6 -9.85 -0.88 9.22
CA MET H 6 -9.11 -0.85 7.97
C MET H 6 -9.12 -2.21 7.28
N ASN H 7 -9.13 -3.28 8.06
CA ASN H 7 -9.19 -4.64 7.53
C ASN H 7 -10.54 -4.93 6.89
N VAL H 8 -11.59 -4.28 7.41
CA VAL H 8 -12.91 -4.38 6.80
C VAL H 8 -12.90 -3.63 5.47
N ILE H 9 -12.12 -2.55 5.44
CA ILE H 9 -11.98 -1.74 4.23
C ILE H 9 -11.13 -2.46 3.19
N MET H 10 -10.01 -3.05 3.62
CA MET H 10 -9.05 -3.65 2.69
C MET H 10 -9.60 -4.89 1.98
N ARG H 11 -10.55 -5.57 2.62
CA ARG H 11 -11.14 -6.78 2.06
C ARG H 11 -12.02 -6.49 0.85
N GLU H 12 -12.20 -5.20 0.56
CA GLU H 12 -13.11 -4.77 -0.50
C GLU H 12 -12.43 -3.96 -1.60
N ILE H 13 -11.10 -3.91 -1.58
CA ILE H 13 -10.32 -3.08 -2.50
C ILE H 13 -10.61 -3.31 -3.99
N GLY H 14 -10.56 -4.57 -4.42
CA GLY H 14 -10.69 -4.89 -5.83
C GLY H 14 -12.04 -4.53 -6.40
N LYS H 15 -13.09 -4.85 -5.63
CA LYS H 15 -14.47 -4.64 -6.05
C LYS H 15 -14.80 -3.22 -6.49
N LYS H 16 -15.77 -3.13 -7.39
CA LYS H 16 -16.31 -1.87 -7.87
C LYS H 16 -17.38 -1.39 -6.88
N LEU H 17 -17.82 -0.15 -7.01
CA LEU H 17 -18.74 0.41 -6.00
C LEU H 17 -20.10 -0.26 -5.95
N ASP H 18 -20.48 -0.97 -7.03
CA ASP H 18 -21.75 -1.66 -7.08
C ASP H 18 -21.69 -3.00 -6.35
N GLU H 19 -20.49 -3.47 -6.08
CA GLU H 19 -20.25 -4.83 -5.59
C GLU H 19 -19.81 -4.93 -4.14
N LEU H 20 -20.10 -3.92 -3.32
CA LEU H 20 -19.58 -3.89 -1.96
C LEU H 20 -20.30 -4.85 -1.01
N SER H 21 -19.52 -5.56 -0.20
CA SER H 21 -20.06 -6.59 0.70
C SER H 21 -20.99 -6.05 1.78
N ARG H 22 -21.91 -6.90 2.24
CA ARG H 22 -22.82 -6.52 3.31
C ARG H 22 -22.08 -6.37 4.63
N GLU H 23 -21.09 -7.24 4.84
CA GLU H 23 -20.27 -7.20 6.04
C GLU H 23 -19.64 -5.82 6.19
N PHE H 24 -19.07 -5.32 5.09
CA PHE H 24 -18.50 -3.99 5.02
C PHE H 24 -19.51 -2.93 5.44
N TYR H 25 -20.71 -3.01 4.86
CA TYR H 25 -21.77 -2.06 5.16
C TYR H 25 -22.22 -2.16 6.61
N GLU H 26 -22.26 -3.39 7.14
CA GLU H 26 -22.53 -3.59 8.56
C GLU H 26 -21.48 -2.88 9.39
N SER H 27 -20.24 -2.92 8.93
CA SER H 27 -19.13 -2.33 9.67
C SER H 27 -19.12 -0.80 9.57
N VAL H 28 -19.69 -0.28 8.48
CA VAL H 28 -19.54 1.13 8.12
C VAL H 28 -20.81 1.98 8.39
N ILE H 29 -21.96 1.33 8.50
CA ILE H 29 -23.24 1.98 8.76
C ILE H 29 -23.51 2.11 10.27
N PRO H 30 -23.98 3.29 10.73
CA PRO H 30 -24.37 4.46 9.94
C PRO H 30 -23.36 5.62 9.94
N PRO H 31 -23.47 6.50 8.93
CA PRO H 31 -22.81 7.79 8.93
C PRO H 31 -23.40 8.69 10.01
N ILE H 32 -22.58 9.28 10.88
CA ILE H 32 -23.13 10.06 11.98
C ILE H 32 -22.77 11.54 11.89
N ASP H 33 -23.76 12.37 12.23
CA ASP H 33 -23.55 13.80 12.40
C ASP H 33 -23.53 14.10 13.90
N MET H 34 -22.39 14.57 14.39
CA MET H 34 -22.29 14.89 15.81
C MET H 34 -21.94 16.34 16.05
N TYR H 35 -22.78 17.02 16.83
CA TYR H 35 -22.48 18.38 17.27
C TYR H 35 -23.06 18.63 18.65
N GLU H 36 -22.60 19.71 19.28
CA GLU H 36 -23.08 20.10 20.60
C GLU H 36 -23.71 21.48 20.58
N GLU H 37 -24.89 21.60 21.17
CA GLU H 37 -25.58 22.88 21.25
C GLU H 37 -26.63 22.86 22.35
N GLY H 38 -26.81 24.00 23.01
CA GLY H 38 -27.79 24.12 24.08
C GLY H 38 -27.51 23.16 25.21
N GLY H 39 -26.23 22.93 25.46
CA GLY H 39 -25.82 22.01 26.51
C GLY H 39 -26.25 20.59 26.21
N GLU H 40 -26.51 20.33 24.94
CA GLU H 40 -26.87 18.99 24.52
C GLU H 40 -25.96 18.57 23.37
N LEU H 41 -25.50 17.33 23.42
CA LEU H 41 -24.72 16.78 22.33
C LEU H 41 -25.65 15.95 21.46
N VAL H 42 -25.80 16.35 20.21
CA VAL H 42 -26.72 15.67 19.30
C VAL H 42 -25.97 14.78 18.33
N VAL H 43 -26.37 13.51 18.27
CA VAL H 43 -25.87 12.60 17.25
C VAL H 43 -26.98 12.38 16.22
N VAL H 44 -26.64 12.39 14.94
CA VAL H 44 -27.61 12.08 13.88
C VAL H 44 -27.06 11.02 12.94
N ALA H 45 -27.81 9.94 12.80
CA ALA H 45 -27.38 8.80 12.00
C ALA H 45 -28.40 8.45 10.93
N ASP H 46 -27.91 7.97 9.79
CA ASP H 46 -28.77 7.49 8.71
C ASP H 46 -28.98 5.99 8.83
N LEU H 47 -30.21 5.57 9.13
CA LEU H 47 -30.49 4.16 9.39
C LEU H 47 -31.84 3.72 8.82
N ALA H 48 -31.87 3.51 7.51
CA ALA H 48 -33.09 3.14 6.81
C ALA H 48 -33.41 1.66 6.98
N GLY H 49 -34.70 1.32 6.90
CA GLY H 49 -35.16 -0.04 7.00
C GLY H 49 -34.97 -0.68 8.36
N PHE H 50 -35.37 0.02 9.41
CA PHE H 50 -35.30 -0.54 10.75
C PHE H 50 -36.53 -0.16 11.56
N ASN H 51 -36.85 -0.97 12.56
CA ASN H 51 -37.95 -0.68 13.47
C ASN H 51 -37.40 -0.19 14.81
N LYS H 52 -38.10 0.76 15.43
CA LYS H 52 -37.61 1.41 16.63
C LYS H 52 -37.37 0.39 17.75
N ASP H 53 -38.23 -0.61 17.81
CA ASP H 53 -38.09 -1.67 18.82
C ASP H 53 -36.79 -2.47 18.63
N LYS H 54 -36.27 -2.46 17.40
CA LYS H 54 -35.06 -3.21 17.09
C LYS H 54 -33.80 -2.39 17.37
N ILE H 55 -33.95 -1.08 17.46
CA ILE H 55 -32.79 -0.21 17.65
C ILE H 55 -32.51 0.05 19.13
N SER H 56 -31.26 -0.23 19.52
CA SER H 56 -30.83 -0.12 20.92
C SER H 56 -29.63 0.80 21.10
N VAL H 57 -29.77 1.76 22.02
CA VAL H 57 -28.68 2.70 22.31
C VAL H 57 -28.17 2.52 23.75
N ARG H 58 -26.87 2.31 23.89
CA ARG H 58 -26.25 2.22 25.21
C ARG H 58 -25.04 3.15 25.30
N LEU H 59 -24.79 3.68 26.49
CA LEU H 59 -23.60 4.49 26.73
C LEU H 59 -22.59 3.73 27.59
N SER H 60 -21.37 3.61 27.10
CA SER H 60 -20.33 2.82 27.75
C SER H 60 -19.74 3.50 28.98
N ALA H 61 -19.01 2.71 29.78
CA ALA H 61 -18.27 3.24 30.92
C ALA H 61 -17.15 4.14 30.43
N GLN H 62 -16.42 3.64 29.43
CA GLN H 62 -15.49 4.47 28.69
C GLN H 62 -16.29 5.49 27.91
N ASN H 63 -15.62 6.53 27.44
CA ASN H 63 -16.27 7.67 26.81
C ASN H 63 -17.19 7.35 25.64
N GLU H 64 -17.05 6.15 25.08
CA GLU H 64 -17.70 5.81 23.82
C GLU H 64 -19.22 5.59 23.92
N LEU H 65 -19.93 5.98 22.87
CA LEU H 65 -21.38 5.76 22.77
C LEU H 65 -21.70 4.73 21.69
N ILE H 66 -22.53 3.76 22.04
CA ILE H 66 -22.78 2.60 21.19
C ILE H 66 -24.20 2.54 20.62
N ILE H 67 -24.30 2.33 19.31
CA ILE H 67 -25.58 2.13 18.65
C ILE H 67 -25.69 0.71 18.12
N ASN H 68 -26.74 0.00 18.52
CA ASN H 68 -26.99 -1.33 17.99
C ASN H 68 -28.33 -1.40 17.28
N ALA H 69 -28.36 -2.09 16.16
CA ALA H 69 -29.59 -2.28 15.41
C ALA H 69 -29.57 -3.62 14.70
N GLU H 70 -30.68 -4.32 14.77
CA GLU H 70 -30.80 -5.63 14.13
C GLU H 70 -32.08 -5.71 13.32
N ARG H 71 -32.07 -6.50 12.26
CA ARG H 71 -33.28 -6.76 11.50
C ARG H 71 -33.19 -8.10 10.78
N GLU H 72 -34.33 -8.57 10.27
CA GLU H 72 -34.35 -9.78 9.48
C GLU H 72 -34.74 -9.44 8.05
N ILE H 73 -34.32 -10.29 7.12
CA ILE H 73 -34.50 -10.00 5.71
C ILE H 73 -35.22 -11.18 5.03
N GLN H 74 -36.02 -10.86 4.02
CA GLN H 74 -36.84 -11.87 3.36
C GLN H 74 -36.56 -11.93 1.86
N TYR H 75 -35.49 -12.61 1.50
CA TYR H 75 -35.09 -12.70 0.11
C TYR H 75 -36.11 -13.47 -0.72
N ILE H 76 -36.42 -12.96 -1.89
CA ILE H 76 -37.36 -13.62 -2.79
C ILE H 76 -36.75 -13.82 -4.16
N GLY H 77 -36.85 -15.04 -4.70
CA GLY H 77 -36.35 -15.30 -6.04
C GLY H 77 -34.83 -15.34 -6.13
N THR H 78 -34.33 -15.31 -7.36
CA THR H 78 -32.89 -15.31 -7.60
C THR H 78 -32.27 -13.98 -7.21
N LYS H 79 -31.34 -14.01 -6.27
CA LYS H 79 -30.73 -12.77 -5.76
C LYS H 79 -29.33 -12.54 -6.32
N TYR H 80 -29.01 -11.27 -6.57
CA TYR H 80 -27.70 -10.91 -7.09
C TYR H 80 -26.94 -10.02 -6.09
N ALA H 81 -27.62 -9.03 -5.52
CA ALA H 81 -27.02 -8.20 -4.48
C ALA H 81 -27.72 -8.38 -3.16
N THR H 82 -26.94 -8.48 -2.08
CA THR H 82 -27.47 -8.67 -0.73
C THR H 82 -26.77 -7.74 0.26
N GLN H 83 -26.54 -6.50 -0.14
CA GLN H 83 -25.63 -5.61 0.59
C GLN H 83 -26.22 -4.98 1.84
N ARG H 84 -27.53 -4.76 1.86
CA ARG H 84 -28.16 -4.08 3.00
C ARG H 84 -27.91 -4.85 4.29
N PRO H 85 -27.42 -4.13 5.31
CA PRO H 85 -26.89 -4.69 6.56
C PRO H 85 -27.96 -5.18 7.53
N LEU H 86 -27.76 -6.39 8.07
CA LEU H 86 -28.71 -6.98 9.01
C LEU H 86 -28.45 -6.53 10.45
N LYS H 87 -27.18 -6.49 10.86
CA LYS H 87 -26.85 -6.09 12.22
C LYS H 87 -25.85 -4.93 12.28
N ILE H 88 -26.30 -3.82 12.84
CA ILE H 88 -25.48 -2.62 12.97
C ILE H 88 -24.90 -2.51 14.37
N HIS H 89 -23.59 -2.30 14.46
CA HIS H 89 -22.92 -2.08 15.74
C HIS H 89 -21.88 -0.98 15.59
N LYS H 90 -22.18 0.21 16.11
CA LYS H 90 -21.31 1.36 15.95
C LYS H 90 -20.88 1.95 17.29
N VAL H 91 -19.61 1.78 17.62
CA VAL H 91 -19.03 2.38 18.82
C VAL H 91 -18.44 3.75 18.47
N ILE H 92 -18.91 4.79 19.15
CA ILE H 92 -18.48 6.15 18.85
C ILE H 92 -17.82 6.86 20.02
N ARG H 93 -16.59 7.31 19.84
CA ARG H 93 -15.91 8.10 20.85
C ARG H 93 -16.43 9.55 20.78
N LEU H 94 -16.99 10.03 21.88
CA LEU H 94 -17.49 11.41 21.91
C LEU H 94 -16.50 12.34 22.62
N PRO H 95 -16.16 13.46 21.96
CA PRO H 95 -15.18 14.43 22.43
C PRO H 95 -15.61 15.16 23.71
N VAL H 96 -16.83 15.69 23.72
CA VAL H 96 -17.35 16.37 24.89
C VAL H 96 -17.54 15.39 26.04
N LYS H 97 -17.47 15.89 27.27
CA LYS H 97 -17.65 15.03 28.43
C LYS H 97 -19.12 14.68 28.61
N VAL H 98 -19.38 13.50 29.15
CA VAL H 98 -20.73 13.01 29.34
C VAL H 98 -20.97 12.61 30.79
N ARG H 100 -20.43 8.70 33.27
CA ARG H 100 -20.70 7.31 33.61
C ARG H 100 -22.18 6.99 33.44
N ASP H 101 -23.02 7.76 34.13
CA ASP H 101 -24.46 7.58 34.07
C ASP H 101 -25.11 8.83 33.51
N SER H 102 -25.97 8.67 32.51
CA SER H 102 -26.62 9.81 31.90
C SER H 102 -27.98 9.45 31.36
N GLN H 103 -28.78 10.47 31.07
CA GLN H 103 -30.11 10.28 30.52
C GLN H 103 -30.13 10.59 29.03
N VAL H 104 -30.29 9.55 28.21
CA VAL H 104 -30.24 9.72 26.77
C VAL H 104 -31.64 9.71 26.15
N THR H 105 -31.85 10.56 25.14
CA THR H 105 -33.10 10.61 24.41
C THR H 105 -32.85 10.31 22.93
N ALA H 106 -33.63 9.39 22.37
CA ALA H 106 -33.46 8.99 20.98
C ALA H 106 -34.78 8.89 20.22
N LYS H 107 -34.85 9.57 19.08
CA LYS H 107 -36.04 9.55 18.24
C LYS H 107 -35.69 9.16 16.80
N TYR H 108 -36.47 8.22 16.26
CA TYR H 108 -36.24 7.66 14.94
C TYR H 108 -37.36 8.11 14.01
N GLU H 109 -37.00 8.83 12.94
CA GLU H 109 -37.94 9.18 11.88
C GLU H 109 -37.31 9.04 10.51
N ASN H 110 -38.05 8.47 9.57
CA ASN H 110 -37.66 8.41 8.16
C ASN H 110 -36.27 7.80 7.95
N GLY H 111 -35.96 6.76 8.72
CA GLY H 111 -34.64 6.15 8.64
C GLY H 111 -33.60 6.95 9.40
N VAL H 112 -33.96 8.15 9.84
CA VAL H 112 -33.00 9.00 10.52
C VAL H 112 -33.11 8.85 12.03
N LEU H 113 -31.98 8.51 12.66
CA LEU H 113 -31.95 8.32 14.11
C LEU H 113 -31.29 9.50 14.80
N THR H 114 -32.03 10.16 15.68
CA THR H 114 -31.51 11.32 16.39
C THR H 114 -31.36 11.04 17.87
N ILE H 115 -30.11 11.12 18.36
CA ILE H 115 -29.82 10.88 19.76
C ILE H 115 -29.27 12.13 20.43
N ARG H 116 -29.91 12.55 21.52
CA ARG H 116 -29.49 13.74 22.24
C ARG H 116 -29.01 13.40 23.65
N ILE H 117 -27.73 13.64 23.89
CA ILE H 117 -27.11 13.39 25.19
C ILE H 117 -26.56 14.71 25.76
N PRO H 118 -26.89 15.00 27.02
CA PRO H 118 -26.57 16.30 27.64
C PRO H 118 -25.14 16.41 28.13
N VAL H 119 -24.41 17.40 27.61
CA VAL H 119 -23.05 17.66 28.06
C VAL H 119 -23.07 18.39 29.39
N GLU H 120 -21.96 18.33 30.11
CA GLU H 120 -21.85 19.00 31.41
C GLU H 120 -21.97 20.51 31.26
N GLY H 121 -22.73 21.14 32.15
CA GLY H 121 -22.94 22.58 32.11
C GLY H 121 -24.08 23.03 31.22
N SER H 122 -24.10 24.33 30.95
CA SER H 122 -25.12 24.99 30.11
C SER H 122 -26.56 24.74 30.55
N VAL H 123 -27.36 24.10 29.70
CA VAL H 123 -28.76 23.83 30.06
C VAL H 123 -29.15 22.38 29.81
CL CL I . 11.53 -16.94 22.90
CL CL J . 13.26 -20.86 16.85
CL CL K . -14.76 -26.11 26.90
CL CL L . -13.65 -24.31 -14.08
CL CL M . -10.92 -23.98 -21.46
CL CL N . 17.15 -0.67 24.24
CL CL O . 5.46 32.11 3.18
CL CL P . -26.51 11.28 -14.28
CL CL Q . -22.55 -4.90 23.31
#